data_3T79
#
_entry.id   3T79
#
_cell.length_a   93.060
_cell.length_b   99.651
_cell.length_c   125.915
_cell.angle_alpha   90.00
_cell.angle_beta   90.00
_cell.angle_gamma   90.00
#
_symmetry.space_group_name_H-M   'P 21 21 21'
#
loop_
_entity.id
_entity.type
_entity.pdbx_description
1 polymer "DNA (5'-D(P*TP*TP*AP*AP*TP*TP*TP*AP*TP*AP*AP*AP*AP*TP*T)-3')"
2 polymer "DNA (5'-D(P*AP*AP*AP*TP*TP*TP*TP*AP*TP*AP*AP*AP*TP*TP*A)-3')"
3 polymer "DNA (5'-D(P*TP*AP*AP*TP*TP*TP*AP*TP*AP*AP*AP*AP*TP*T)-3')"
4 polymer "DNA (5'-D(P*AP*AP*AP*AP*AP*TP*TP*TP*TP*AP*TP*AP*AP*AP*T)-3')"
5 polymer KLLA0E03807p
#
loop_
_entity_poly.entity_id
_entity_poly.type
_entity_poly.pdbx_seq_one_letter_code
_entity_poly.pdbx_strand_id
1 'polydeoxyribonucleotide' (DT)(DT)(DA)(DA)(DT)(DT)(DT)(DA)(DT)(DA)(DA)(DA)(DA)(DT)(DT) B
2 'polydeoxyribonucleotide' (DA)(DA)(DA)(DT)(DT)(DT)(DT)(DA)(DT)(DA)(DA)(DA)(DT)(DT)(DA) C
3 'polydeoxyribonucleotide' (DT)(DA)(DA)(DT)(DT)(DT)(DA)(DT)(DA)(DA)(DA)(DA)(DT)(DT) E
4 'polydeoxyribonucleotide' (DA)(DA)(DA)(DA)(DA)(DT)(DT)(DT)(DT)(DA)(DT)(DA)(DA)(DA)(DT) F
5 'polypeptide(L)'
;MSKLDSLLKELPTRTAHLYRSIWHKYTEWLKTMPDLTGADLKLFLSQKYIVKYIASHDDIAKDPLPTCDAMIWFSRALDI
ENNDVLVLQQRLYGLVKLLEFDYSNVIAILQKISINLWNPSTDSLQSKHFKTCQDKLKLLLDFQWKFNTNVSFEDRTTVS
LKDLQCILDDENGKCGLAHSSKPNFVLVPNFQSPFTCPIFTMAVYYYLRFHGVKKYYKGDGYQILSQLEHIPIIRGKSLD
QYPRELTLGNWYPTIFKYCQLPYTKKHWFQVNQEWPQFPDFSDSSENTSTLAESDSENTIGIPDFYIEKMNRTKLQPCPQ
VHVHLFPTDLPPDIQAVFDLLNSVLVTSLPLLYRVFPTHDIFLDPSLKTPQNIAFLTGTLPLDIESQEHLLAQLIDKTGT
VS
;
A,D
#
loop_
_chem_comp.id
_chem_comp.type
_chem_comp.name
_chem_comp.formula
DA DNA linking 2'-DEOXYADENOSINE-5'-MONOPHOSPHATE 'C10 H14 N5 O6 P'
DT DNA linking THYMIDINE-5'-MONOPHOSPHATE 'C10 H15 N2 O8 P'
#
# COMPACT_ATOMS: atom_id res chain seq x y z
N MET E 1 -25.96 -11.51 33.51
CA MET E 1 -26.48 -11.55 34.88
C MET E 1 -27.99 -11.78 34.88
N SER E 2 -28.48 -12.44 35.93
CA SER E 2 -29.92 -12.64 36.11
C SER E 2 -30.67 -11.31 35.98
N LYS E 3 -30.12 -10.27 36.60
CA LYS E 3 -30.78 -8.96 36.66
C LYS E 3 -30.65 -8.19 35.36
N LEU E 4 -29.77 -8.67 34.48
CA LEU E 4 -29.47 -8.00 33.22
C LEU E 4 -30.57 -8.15 32.16
N ASP E 5 -31.09 -9.37 32.03
CA ASP E 5 -32.03 -9.67 30.96
C ASP E 5 -33.14 -8.64 30.83
N SER E 6 -33.77 -8.31 31.94
CA SER E 6 -34.90 -7.37 31.96
C SER E 6 -34.59 -6.04 31.27
N LEU E 7 -33.33 -5.64 31.25
CA LEU E 7 -32.98 -4.35 30.63
C LEU E 7 -32.88 -4.38 29.09
N LEU E 8 -33.02 -5.56 28.47
CA LEU E 8 -33.05 -5.65 27.00
C LEU E 8 -34.45 -5.65 26.41
N LYS E 9 -35.47 -5.73 27.27
CA LYS E 9 -36.87 -5.46 26.87
C LYS E 9 -36.94 -4.05 26.38
N GLU E 10 -36.25 -3.17 27.10
CA GLU E 10 -36.43 -1.73 26.98
C GLU E 10 -35.96 -1.17 25.64
N LEU E 11 -35.42 -2.06 24.83
CA LEU E 11 -34.70 -1.76 23.61
C LEU E 11 -35.50 -2.30 22.44
N PRO E 12 -35.31 -1.70 21.24
CA PRO E 12 -36.01 -2.21 20.05
C PRO E 12 -35.69 -3.69 19.88
N THR E 13 -36.67 -4.55 19.62
CA THR E 13 -36.45 -5.99 19.58
C THR E 13 -35.20 -6.40 18.76
N ARG E 14 -35.08 -5.84 17.56
CA ARG E 14 -33.96 -6.18 16.66
C ARG E 14 -32.55 -5.98 17.28
N THR E 15 -32.26 -4.78 17.74
CA THR E 15 -30.97 -4.48 18.37
C THR E 15 -30.77 -5.26 19.68
N ALA E 16 -31.82 -5.37 20.48
CA ALA E 16 -31.76 -6.11 21.74
C ALA E 16 -31.28 -7.51 21.39
N HIS E 17 -31.73 -7.97 20.23
CA HIS E 17 -31.42 -9.29 19.72
C HIS E 17 -29.95 -9.41 19.35
N LEU E 18 -29.52 -8.55 18.43
CA LEU E 18 -28.11 -8.57 18.06
C LEU E 18 -27.24 -8.58 19.31
N TYR E 19 -27.50 -7.65 20.23
CA TYR E 19 -26.75 -7.57 21.47
C TYR E 19 -26.75 -8.92 22.17
N ARG E 20 -27.89 -9.57 22.25
CA ARG E 20 -27.91 -10.92 22.80
C ARG E 20 -26.86 -11.79 22.12
N SER E 21 -26.87 -11.82 20.80
CA SER E 21 -25.90 -12.63 20.03
C SER E 21 -24.42 -12.24 20.23
N ILE E 22 -24.08 -10.97 19.98
CA ILE E 22 -22.75 -10.43 20.23
C ILE E 22 -22.33 -10.96 21.58
N TRP E 23 -23.13 -10.64 22.58
CA TRP E 23 -22.89 -11.06 23.94
C TRP E 23 -22.47 -12.51 23.99
N HIS E 24 -23.37 -13.39 23.56
CA HIS E 24 -23.11 -14.82 23.57
C HIS E 24 -21.74 -15.16 22.98
N LYS E 25 -21.41 -14.60 21.82
CA LYS E 25 -20.09 -14.80 21.27
C LYS E 25 -19.01 -14.37 22.27
N TYR E 26 -18.96 -13.07 22.56
CA TYR E 26 -17.90 -12.50 23.41
C TYR E 26 -17.65 -13.28 24.70
N THR E 27 -18.72 -13.69 25.36
CA THR E 27 -18.60 -14.62 26.49
C THR E 27 -17.97 -15.96 26.05
N GLU E 28 -18.68 -16.68 25.19
CA GLU E 28 -18.29 -18.03 24.76
C GLU E 28 -16.85 -18.11 24.30
N TRP E 29 -16.33 -16.94 23.90
CA TRP E 29 -14.93 -16.68 23.61
C TRP E 29 -14.18 -16.56 24.91
N LEU E 30 -14.62 -15.61 25.74
CA LEU E 30 -14.00 -15.26 27.02
C LEU E 30 -13.80 -16.49 27.89
N LYS E 31 -14.47 -17.56 27.51
CA LYS E 31 -14.32 -18.85 28.17
C LYS E 31 -13.02 -19.48 27.70
N THR E 32 -12.31 -18.78 26.82
CA THR E 32 -11.02 -19.27 26.32
C THR E 32 -9.85 -18.70 27.14
N MET E 33 -10.14 -17.83 28.11
CA MET E 33 -9.06 -17.22 28.88
C MET E 33 -9.14 -17.62 30.35
N PRO E 34 -8.14 -17.25 31.16
CA PRO E 34 -8.11 -17.75 32.54
C PRO E 34 -9.21 -17.21 33.46
N ASP E 35 -9.50 -15.93 33.30
CA ASP E 35 -10.33 -15.19 34.24
C ASP E 35 -10.54 -13.79 33.70
N ASP E 40 -16.36 -11.12 36.89
CA ASP E 40 -17.64 -11.81 36.60
C ASP E 40 -18.82 -10.84 36.57
N LEU E 41 -18.58 -9.57 36.85
CA LEU E 41 -19.57 -8.56 36.49
C LEU E 41 -18.92 -7.57 35.52
N LYS E 42 -18.23 -6.57 36.04
CA LYS E 42 -17.62 -5.56 35.18
C LYS E 42 -16.24 -5.87 34.64
N LEU E 43 -15.42 -6.51 35.46
CA LEU E 43 -14.06 -6.77 35.05
C LEU E 43 -14.06 -7.58 33.75
N PHE E 44 -15.19 -8.18 33.43
CA PHE E 44 -15.32 -8.90 32.17
C PHE E 44 -15.23 -7.94 31.02
N LEU E 45 -15.57 -6.69 31.31
CA LEU E 45 -15.49 -5.65 30.32
C LEU E 45 -14.39 -4.68 30.73
N SER E 46 -13.29 -4.76 30.01
CA SER E 46 -12.18 -3.83 30.14
C SER E 46 -11.46 -3.78 28.79
N GLN E 47 -10.91 -2.62 28.46
CA GLN E 47 -10.42 -2.36 27.11
C GLN E 47 -9.59 -3.52 26.56
N LYS E 48 -8.77 -4.12 27.43
CA LYS E 48 -7.91 -5.21 27.02
C LYS E 48 -8.68 -6.32 26.28
N TYR E 49 -9.70 -6.86 26.93
CA TYR E 49 -10.39 -8.04 26.41
C TYR E 49 -11.25 -7.73 25.19
N ILE E 50 -11.92 -6.59 25.22
CA ILE E 50 -12.78 -6.18 24.11
C ILE E 50 -11.90 -5.94 22.87
N VAL E 51 -10.83 -5.18 23.07
CA VAL E 51 -9.88 -4.93 21.99
C VAL E 51 -9.30 -6.23 21.42
N LYS E 52 -8.79 -7.10 22.30
CA LYS E 52 -8.28 -8.39 21.85
C LYS E 52 -9.31 -9.15 21.02
N TYR E 53 -10.51 -9.26 21.56
CA TYR E 53 -11.59 -9.93 20.84
C TYR E 53 -11.74 -9.36 19.44
N ILE E 54 -11.96 -8.05 19.38
CA ILE E 54 -12.27 -7.40 18.11
C ILE E 54 -11.15 -7.60 17.09
N ALA E 55 -9.91 -7.35 17.51
CA ALA E 55 -8.79 -7.46 16.58
C ALA E 55 -8.48 -8.90 16.18
N SER E 56 -8.81 -9.86 17.04
CA SER E 56 -8.42 -11.24 16.78
C SER E 56 -9.42 -11.98 15.90
N HIS E 57 -10.54 -11.33 15.60
CA HIS E 57 -11.57 -11.92 14.76
C HIS E 57 -11.79 -11.11 13.48
N ASP E 58 -11.45 -11.68 12.32
CA ASP E 58 -11.58 -10.98 11.06
C ASP E 58 -13.04 -10.59 10.83
N ASP E 59 -13.93 -11.54 11.07
CA ASP E 59 -15.35 -11.32 10.96
C ASP E 59 -15.76 -10.05 11.71
N ILE E 60 -15.26 -9.90 12.93
CA ILE E 60 -15.55 -8.72 13.73
C ILE E 60 -14.71 -7.54 13.30
N ALA E 61 -13.44 -7.81 12.97
CA ALA E 61 -12.51 -6.74 12.64
C ALA E 61 -12.99 -5.90 11.46
N LYS E 62 -13.53 -6.56 10.44
CA LYS E 62 -14.02 -5.85 9.27
C LYS E 62 -15.22 -4.93 9.56
N ASP E 63 -16.05 -5.33 10.54
CA ASP E 63 -17.25 -4.55 10.90
C ASP E 63 -17.42 -4.42 12.40
N PRO E 64 -16.54 -3.63 13.05
CA PRO E 64 -16.44 -3.50 14.50
C PRO E 64 -17.60 -2.74 15.15
N LEU E 65 -18.21 -1.83 14.41
CA LEU E 65 -19.08 -0.84 15.03
C LEU E 65 -20.24 -1.40 15.86
N PRO E 66 -21.03 -2.32 15.29
CA PRO E 66 -22.17 -2.76 16.10
C PRO E 66 -21.68 -3.39 17.40
N THR E 67 -20.50 -4.00 17.33
CA THR E 67 -19.90 -4.60 18.51
C THR E 67 -19.56 -3.53 19.53
N CYS E 68 -18.92 -2.47 19.08
CA CYS E 68 -18.56 -1.37 19.96
C CYS E 68 -19.78 -0.75 20.64
N ASP E 69 -20.79 -0.40 19.83
CA ASP E 69 -22.01 0.16 20.38
C ASP E 69 -22.57 -0.77 21.43
N ALA E 70 -22.58 -2.07 21.12
CA ALA E 70 -23.04 -3.06 22.08
C ALA E 70 -22.28 -2.89 23.39
N MET E 71 -20.95 -2.89 23.30
CA MET E 71 -20.15 -2.90 24.52
C MET E 71 -20.37 -1.65 25.33
N ILE E 72 -20.44 -0.50 24.66
CA ILE E 72 -20.67 0.74 25.40
C ILE E 72 -22.01 0.64 26.12
N TRP E 73 -22.99 0.05 25.45
CA TRP E 73 -24.28 -0.18 26.09
C TRP E 73 -24.12 -1.04 27.33
N PHE E 74 -23.74 -2.30 27.14
CA PHE E 74 -23.60 -3.25 28.25
C PHE E 74 -22.85 -2.61 29.41
N SER E 75 -21.81 -1.84 29.08
CA SER E 75 -21.06 -1.10 30.09
C SER E 75 -21.94 -0.13 30.87
N ARG E 76 -22.43 0.92 30.19
CA ARG E 76 -23.21 1.96 30.86
C ARG E 76 -24.55 1.42 31.30
N ALA E 77 -24.94 0.29 30.70
CA ALA E 77 -26.16 -0.38 31.06
C ALA E 77 -25.88 -1.20 32.31
N LEU E 78 -24.67 -1.06 32.85
CA LEU E 78 -24.32 -1.64 34.15
C LEU E 78 -23.78 -0.51 35.03
N ASP E 79 -23.24 -0.83 36.21
CA ASP E 79 -22.69 0.30 36.97
C ASP E 79 -21.23 0.53 36.58
N ILE E 80 -21.04 1.60 35.83
CA ILE E 80 -19.72 1.99 35.38
C ILE E 80 -19.73 3.51 35.28
N GLU E 81 -18.64 4.13 35.73
CA GLU E 81 -18.54 5.58 35.75
C GLU E 81 -18.73 6.18 34.35
N ASN E 82 -19.45 7.29 34.30
CA ASN E 82 -19.83 7.92 33.04
C ASN E 82 -18.61 8.34 32.23
N ASN E 83 -17.73 9.08 32.89
CA ASN E 83 -16.42 9.38 32.34
C ASN E 83 -15.83 8.09 31.81
N ASP E 84 -15.64 7.14 32.72
CA ASP E 84 -15.02 5.87 32.40
C ASP E 84 -15.56 5.28 31.10
N VAL E 85 -16.85 4.98 31.08
CA VAL E 85 -17.46 4.45 29.87
C VAL E 85 -17.09 5.30 28.65
N LEU E 86 -17.09 6.62 28.80
CA LEU E 86 -16.75 7.47 27.66
C LEU E 86 -15.29 7.36 27.21
N VAL E 87 -14.36 7.19 28.17
CA VAL E 87 -12.95 6.97 27.84
C VAL E 87 -12.84 5.67 27.06
N LEU E 88 -13.63 4.68 27.48
CA LEU E 88 -13.74 3.44 26.71
C LEU E 88 -14.12 3.78 25.29
N GLN E 89 -15.27 4.43 25.12
CA GLN E 89 -15.75 4.83 23.80
C GLN E 89 -14.64 5.47 22.96
N GLN E 90 -13.92 6.41 23.56
CA GLN E 90 -12.79 7.06 22.92
C GLN E 90 -11.88 6.00 22.36
N ARG E 91 -11.44 5.10 23.24
CA ARG E 91 -10.50 4.06 22.83
C ARG E 91 -11.06 3.19 21.69
N LEU E 92 -12.36 2.87 21.76
CA LEU E 92 -13.01 1.99 20.76
C LEU E 92 -13.08 2.64 19.38
N TYR E 93 -13.49 3.89 19.35
CA TYR E 93 -13.46 4.65 18.11
C TYR E 93 -12.02 4.78 17.58
N GLY E 94 -11.06 5.00 18.47
CA GLY E 94 -9.65 4.98 18.07
C GLY E 94 -9.29 3.70 17.35
N LEU E 95 -9.57 2.59 18.02
CA LEU E 95 -9.38 1.25 17.49
C LEU E 95 -9.95 1.06 16.08
N VAL E 96 -11.20 1.47 15.88
CA VAL E 96 -11.76 1.42 14.52
C VAL E 96 -10.87 2.24 13.59
N LYS E 97 -10.79 3.54 13.86
CA LYS E 97 -10.13 4.41 12.93
C LYS E 97 -8.84 3.76 12.48
N LEU E 98 -8.14 3.13 13.42
CA LEU E 98 -6.98 2.32 13.10
C LEU E 98 -7.34 1.24 12.07
N LEU E 99 -8.20 0.32 12.48
CA LEU E 99 -8.46 -0.87 11.66
C LEU E 99 -8.89 -0.50 10.26
N GLU E 100 -9.94 0.30 10.18
CA GLU E 100 -10.51 0.69 8.90
C GLU E 100 -9.59 1.62 8.12
N PHE E 101 -8.96 2.57 8.80
CA PHE E 101 -8.25 3.63 8.09
C PHE E 101 -7.38 3.03 7.00
N ASP E 102 -7.56 3.52 5.78
CA ASP E 102 -6.67 3.13 4.70
C ASP E 102 -5.59 4.18 4.56
N TYR E 103 -4.33 3.79 4.82
CA TYR E 103 -3.18 4.66 4.56
C TYR E 103 -2.94 4.83 3.06
N SER E 104 -3.29 3.83 2.25
CA SER E 104 -2.82 3.74 0.86
C SER E 104 -2.94 5.06 0.13
N ASN E 105 -3.81 5.92 0.63
CA ASN E 105 -3.90 7.28 0.14
C ASN E 105 -2.81 8.21 0.71
N VAL E 106 -2.82 8.45 2.02
CA VAL E 106 -1.86 9.38 2.61
C VAL E 106 -0.39 9.09 2.17
N ILE E 107 -0.09 7.83 1.90
CA ILE E 107 1.32 7.44 1.71
C ILE E 107 2.13 8.29 0.73
N ALA E 108 1.56 8.61 -0.43
CA ALA E 108 2.34 9.27 -1.47
C ALA E 108 2.81 10.66 -1.08
N ILE E 109 2.24 11.20 0.00
CA ILE E 109 2.71 12.48 0.50
C ILE E 109 4.01 12.24 1.25
N LEU E 110 4.00 11.21 2.08
CA LEU E 110 5.21 10.71 2.72
C LEU E 110 6.27 10.50 1.65
N GLN E 111 6.07 9.49 0.80
CA GLN E 111 7.01 9.18 -0.27
C GLN E 111 7.47 10.50 -0.92
N LYS E 112 6.53 11.26 -1.47
CA LYS E 112 6.88 12.41 -2.28
C LYS E 112 8.02 13.26 -1.68
N ILE E 113 7.95 13.56 -0.38
CA ILE E 113 8.95 14.41 0.28
C ILE E 113 10.18 13.66 0.78
N SER E 114 9.91 12.50 1.34
CA SER E 114 10.96 11.79 2.03
C SER E 114 12.11 11.76 1.04
N ILE E 115 11.81 11.26 -0.15
CA ILE E 115 12.80 11.17 -1.22
C ILE E 115 13.43 12.53 -1.54
N ASN E 116 12.61 13.51 -1.89
CA ASN E 116 13.11 14.85 -2.15
C ASN E 116 13.85 15.46 -0.97
N LEU E 117 13.67 14.94 0.24
CA LEU E 117 14.44 15.49 1.35
C LEU E 117 15.73 14.72 1.62
N TRP E 118 15.84 13.54 1.04
CA TRP E 118 17.07 12.76 1.10
C TRP E 118 18.04 13.25 0.05
N ASN E 119 17.51 13.55 -1.12
CA ASN E 119 18.32 14.00 -2.23
C ASN E 119 19.14 15.21 -1.81
N PRO E 120 20.47 15.04 -1.77
CA PRO E 120 21.41 16.05 -1.32
C PRO E 120 21.52 17.18 -2.33
N SER E 121 21.17 16.87 -3.58
CA SER E 121 21.19 17.89 -4.62
C SER E 121 19.77 18.35 -4.85
N THR E 122 19.48 19.55 -4.38
CA THR E 122 18.22 20.17 -4.66
C THR E 122 18.57 21.54 -5.15
N ASP E 123 18.38 21.73 -6.44
CA ASP E 123 18.72 22.97 -7.08
C ASP E 123 17.55 23.90 -6.86
N SER E 124 16.36 23.34 -7.00
CA SER E 124 15.12 24.10 -7.12
C SER E 124 14.82 24.98 -5.91
N LEU E 125 15.51 24.72 -4.80
CA LEU E 125 15.34 25.53 -3.60
C LEU E 125 16.57 26.39 -3.29
N GLN E 126 16.31 27.69 -3.11
CA GLN E 126 17.31 28.70 -2.88
C GLN E 126 17.30 28.94 -1.40
N SER E 127 16.42 28.23 -0.72
CA SER E 127 16.12 28.62 0.64
C SER E 127 17.34 28.34 1.43
N LYS E 128 17.66 29.31 2.28
CA LYS E 128 18.81 29.26 3.14
C LYS E 128 18.80 28.02 4.03
N HIS E 129 17.69 27.74 4.72
CA HIS E 129 17.65 26.51 5.51
C HIS E 129 17.67 25.37 4.52
N PHE E 130 18.04 24.18 4.99
CA PHE E 130 18.26 23.02 4.11
C PHE E 130 19.47 23.22 3.20
N LYS E 131 20.39 24.06 3.61
CA LYS E 131 21.62 24.23 2.85
C LYS E 131 22.45 22.97 3.00
N THR E 132 22.50 22.44 4.21
CA THR E 132 23.20 21.20 4.51
C THR E 132 22.27 20.02 4.29
N CYS E 133 22.76 18.81 4.50
CA CYS E 133 21.88 17.66 4.51
C CYS E 133 21.27 17.47 5.90
N GLN E 134 21.88 18.10 6.90
CA GLN E 134 21.43 17.95 8.27
C GLN E 134 20.15 18.72 8.55
N ASP E 135 19.98 19.85 7.87
CA ASP E 135 18.75 20.62 8.03
C ASP E 135 17.63 19.77 7.43
N LYS E 136 17.87 19.26 6.24
CA LYS E 136 16.95 18.37 5.56
C LYS E 136 16.52 17.27 6.51
N LEU E 137 17.50 16.47 6.90
CA LEU E 137 17.24 15.33 7.76
C LEU E 137 16.57 15.67 9.10
N LYS E 138 16.86 16.85 9.64
CA LYS E 138 16.15 17.31 10.83
C LYS E 138 14.65 17.43 10.54
N LEU E 139 14.32 18.25 9.55
CA LEU E 139 12.91 18.44 9.21
C LEU E 139 12.26 17.08 8.93
N LEU E 140 12.82 16.36 7.98
CA LEU E 140 12.24 15.09 7.55
C LEU E 140 12.07 14.15 8.72
N LEU E 141 13.01 14.17 9.66
CA LEU E 141 12.84 13.33 10.83
C LEU E 141 11.57 13.77 11.56
N ASP E 142 11.46 15.07 11.85
CA ASP E 142 10.26 15.54 12.54
C ASP E 142 9.04 14.94 11.86
N PHE E 143 8.84 15.36 10.61
CA PHE E 143 7.66 15.03 9.80
C PHE E 143 7.38 13.54 9.73
N GLN E 144 8.41 12.73 9.49
CA GLN E 144 8.23 11.29 9.36
C GLN E 144 7.69 10.83 10.68
N TRP E 145 8.19 11.48 11.72
CA TRP E 145 7.84 11.17 13.08
C TRP E 145 6.34 11.42 13.29
N LYS E 146 5.89 12.65 13.06
CA LYS E 146 4.47 12.98 13.18
C LYS E 146 3.63 12.00 12.38
N PHE E 147 4.00 11.82 11.11
CA PHE E 147 3.31 10.92 10.20
C PHE E 147 3.09 9.52 10.76
N ASN E 148 4.15 8.94 11.33
CA ASN E 148 4.05 7.59 11.92
C ASN E 148 3.37 7.52 13.29
N THR E 149 3.77 8.42 14.19
CA THR E 149 3.25 8.43 15.55
C THR E 149 1.98 9.26 15.77
N ASN E 150 1.67 10.17 14.84
CA ASN E 150 0.54 11.10 15.02
C ASN E 150 0.52 11.80 16.40
N VAL E 151 1.51 12.67 16.61
CA VAL E 151 1.68 13.33 17.90
C VAL E 151 1.65 14.85 17.80
N SER E 152 1.13 15.50 18.83
CA SER E 152 1.19 16.94 18.94
C SER E 152 2.63 17.44 18.87
N PHE E 153 2.81 18.64 18.34
CA PHE E 153 4.12 19.28 18.31
C PHE E 153 4.71 19.48 19.68
N GLU E 154 4.02 20.28 20.48
CA GLU E 154 4.47 20.61 21.81
C GLU E 154 4.89 19.36 22.60
N ASP E 155 4.10 18.30 22.48
CA ASP E 155 4.46 16.99 22.99
C ASP E 155 5.73 16.46 22.31
N ARG E 156 5.86 16.71 21.01
CA ARG E 156 7.09 16.35 20.27
C ARG E 156 8.38 16.98 20.86
N THR E 157 8.26 18.21 21.35
CA THR E 157 9.37 18.89 22.03
C THR E 157 9.46 18.55 23.52
N THR E 158 8.42 17.92 24.06
CA THR E 158 8.46 17.52 25.47
C THR E 158 9.34 16.30 25.74
N VAL E 159 9.53 15.45 24.74
CA VAL E 159 10.18 14.16 24.94
C VAL E 159 11.71 14.27 24.99
N SER E 160 12.28 13.84 26.11
CA SER E 160 13.73 13.80 26.28
C SER E 160 14.26 12.46 25.81
N LEU E 161 15.24 12.47 24.90
CA LEU E 161 15.78 11.21 24.35
C LEU E 161 16.10 10.18 25.43
N LYS E 162 16.65 10.61 26.55
CA LYS E 162 16.98 9.69 27.63
C LYS E 162 15.74 8.92 28.11
N ASP E 163 14.56 9.47 27.82
CA ASP E 163 13.28 8.81 28.14
C ASP E 163 13.07 7.60 27.26
N LEU E 164 13.53 7.70 26.01
CA LEU E 164 13.35 6.66 25.02
C LEU E 164 13.85 5.29 25.49
N GLN E 165 13.11 4.25 25.13
CA GLN E 165 13.44 2.90 25.55
C GLN E 165 13.49 1.96 24.37
N CYS E 166 14.66 1.39 24.14
CA CYS E 166 14.84 0.45 23.05
C CYS E 166 14.02 -0.82 23.29
N ILE E 167 13.41 -1.31 22.23
CA ILE E 167 12.75 -2.61 22.26
C ILE E 167 13.55 -3.54 21.37
N LEU E 168 14.27 -4.45 22.01
CA LEU E 168 14.89 -5.53 21.26
C LEU E 168 14.42 -6.80 21.90
N ASP E 169 13.57 -7.50 21.18
CA ASP E 169 13.07 -8.78 21.63
C ASP E 169 13.29 -9.70 20.45
N ASP E 170 14.21 -10.64 20.58
CA ASP E 170 14.40 -11.62 19.52
C ASP E 170 13.59 -12.90 19.74
N GLU E 171 13.11 -13.08 20.97
CA GLU E 171 12.16 -14.14 21.27
C GLU E 171 11.07 -14.04 20.21
N ASN E 172 10.50 -12.84 20.17
CA ASN E 172 9.32 -12.51 19.40
C ASN E 172 9.60 -11.82 18.07
N GLY E 173 10.88 -11.61 17.76
CA GLY E 173 11.25 -10.96 16.52
C GLY E 173 10.81 -9.51 16.45
N LYS E 174 11.25 -8.70 17.41
CA LYS E 174 10.80 -7.31 17.52
C LYS E 174 11.93 -6.34 17.77
N CYS E 175 11.86 -5.17 17.13
CA CYS E 175 12.75 -4.06 17.46
C CYS E 175 12.09 -2.74 17.21
N GLY E 176 12.44 -1.75 18.03
CA GLY E 176 11.85 -0.44 17.92
C GLY E 176 12.34 0.54 18.97
N LEU E 177 11.76 1.72 18.96
CA LEU E 177 12.05 2.74 19.96
C LEU E 177 10.74 3.20 20.59
N ALA E 178 10.58 2.93 21.89
CA ALA E 178 9.30 3.21 22.57
C ALA E 178 9.37 4.33 23.60
N HIS E 179 8.25 4.97 23.84
CA HIS E 179 8.18 5.97 24.88
C HIS E 179 6.90 5.73 25.68
N SER E 180 7.05 5.38 26.96
CA SER E 180 5.91 5.09 27.83
C SER E 180 5.54 6.32 28.66
N SER E 181 6.35 7.35 28.50
CA SER E 181 6.18 8.60 29.21
C SER E 181 5.09 9.45 28.52
N LYS E 182 5.00 10.74 28.83
CA LYS E 182 3.84 11.58 28.44
C LYS E 182 3.32 11.41 26.98
N PRO E 183 4.21 11.58 25.98
CA PRO E 183 3.71 11.03 24.73
C PRO E 183 3.80 9.51 24.76
N ASN E 184 2.78 8.82 24.26
CA ASN E 184 2.78 7.37 24.26
C ASN E 184 2.86 6.89 22.82
N PHE E 185 4.00 6.33 22.44
CA PHE E 185 4.20 5.90 21.06
C PHE E 185 5.31 4.86 20.87
N VAL E 186 5.28 4.16 19.75
CA VAL E 186 6.29 3.15 19.42
C VAL E 186 6.73 3.25 17.95
N LEU E 187 8.02 3.48 17.70
CA LEU E 187 8.47 3.53 16.32
C LEU E 187 9.12 2.21 15.91
N VAL E 188 8.94 1.85 14.65
CA VAL E 188 9.51 0.61 14.11
C VAL E 188 10.25 0.82 12.78
N PRO E 189 11.35 0.07 12.58
CA PRO E 189 12.10 0.21 11.34
C PRO E 189 11.40 -0.37 10.11
N ASN E 190 11.35 0.42 9.05
CA ASN E 190 10.93 -0.13 7.79
C ASN E 190 12.16 -0.48 6.97
N PHE E 191 12.42 -1.78 6.82
CA PHE E 191 13.62 -2.24 6.14
C PHE E 191 13.34 -2.38 4.64
N GLN E 192 12.06 -2.38 4.29
CA GLN E 192 11.65 -2.54 2.92
C GLN E 192 11.52 -1.19 2.21
N SER E 193 11.47 -0.12 3.02
CA SER E 193 11.50 1.26 2.50
C SER E 193 12.28 2.17 3.44
N PRO E 194 13.61 2.03 3.45
CA PRO E 194 14.47 2.81 4.34
C PRO E 194 14.19 4.31 4.28
N PHE E 195 14.00 4.85 3.08
CA PHE E 195 13.88 6.29 2.89
C PHE E 195 12.69 6.87 3.61
N THR E 196 11.58 6.15 3.56
CA THR E 196 10.38 6.55 4.29
C THR E 196 10.40 6.06 5.74
N CYS E 197 11.52 5.45 6.15
CA CYS E 197 11.71 5.05 7.54
C CYS E 197 12.27 6.18 8.39
N PRO E 198 11.55 6.55 9.47
CA PRO E 198 11.89 7.64 10.39
C PRO E 198 13.14 7.33 11.21
N ILE E 199 13.40 6.05 11.55
CA ILE E 199 14.63 5.73 12.27
C ILE E 199 15.80 5.86 11.34
N PHE E 200 15.83 5.12 10.24
CA PHE E 200 16.99 5.20 9.36
C PHE E 200 17.37 6.68 9.17
N THR E 201 16.33 7.51 9.02
CA THR E 201 16.46 8.96 9.02
C THR E 201 17.16 9.51 10.28
N MET E 202 16.69 9.09 11.45
CA MET E 202 17.26 9.50 12.72
C MET E 202 18.71 9.01 12.93
N ALA E 203 19.04 7.89 12.30
CA ALA E 203 20.35 7.28 12.38
C ALA E 203 21.32 8.13 11.60
N VAL E 204 20.97 8.44 10.35
CA VAL E 204 21.84 9.33 9.58
C VAL E 204 21.95 10.67 10.32
N TYR E 205 20.80 11.29 10.56
CA TYR E 205 20.76 12.59 11.22
C TYR E 205 21.57 12.64 12.50
N TYR E 206 21.60 11.54 13.24
CA TYR E 206 22.32 11.46 14.51
C TYR E 206 23.80 11.26 14.30
N TYR E 207 24.18 10.52 13.27
CA TYR E 207 25.58 10.43 12.91
C TYR E 207 26.11 11.83 12.61
N LEU E 208 25.46 12.56 11.71
CA LEU E 208 25.90 13.94 11.41
C LEU E 208 25.81 14.86 12.62
N ARG E 209 24.86 14.60 13.51
CA ARG E 209 24.64 15.48 14.65
C ARG E 209 25.72 15.32 15.71
N PHE E 210 26.11 14.07 15.95
CA PHE E 210 27.06 13.75 17.02
C PHE E 210 28.51 13.54 16.52
N HIS E 211 28.70 12.52 15.71
CA HIS E 211 29.98 12.19 15.09
C HIS E 211 30.42 13.41 14.28
N GLY E 212 29.49 13.98 13.54
CA GLY E 212 29.76 15.13 12.71
C GLY E 212 30.48 14.64 11.49
N VAL E 213 30.82 15.56 10.59
CA VAL E 213 31.71 15.17 9.51
C VAL E 213 33.01 15.94 9.63
N LYS E 214 34.14 15.23 9.74
CA LYS E 214 35.45 15.85 9.80
C LYS E 214 35.64 16.76 8.63
N LYS E 215 36.26 17.89 8.91
CA LYS E 215 36.67 18.85 7.91
C LYS E 215 35.45 19.42 7.19
N TYR E 216 34.27 19.25 7.77
CA TYR E 216 33.09 20.00 7.35
C TYR E 216 32.26 20.58 8.49
N TYR E 217 31.63 19.70 9.26
CA TYR E 217 30.65 20.10 10.27
C TYR E 217 30.96 19.45 11.61
N LYS E 218 31.19 20.27 12.63
CA LYS E 218 31.51 19.74 13.95
C LYS E 218 30.40 18.84 14.43
N GLY E 219 30.75 17.63 14.87
CA GLY E 219 29.78 16.84 15.61
C GLY E 219 29.56 17.57 16.91
N ASP E 220 28.53 17.22 17.65
CA ASP E 220 28.33 17.82 18.97
C ASP E 220 29.18 17.07 19.97
N GLY E 221 29.60 15.87 19.57
CA GLY E 221 30.27 14.95 20.46
C GLY E 221 29.21 14.22 21.26
N TYR E 222 29.51 12.98 21.64
CA TYR E 222 28.55 12.13 22.35
C TYR E 222 28.70 12.34 23.84
N GLN E 223 29.74 13.05 24.23
CA GLN E 223 30.02 13.29 25.64
C GLN E 223 28.81 13.93 26.31
N ILE E 224 28.26 14.95 25.67
CA ILE E 224 27.17 15.74 26.22
C ILE E 224 25.95 14.90 26.55
N LEU E 225 25.93 13.64 26.12
CA LEU E 225 24.87 12.72 26.51
C LEU E 225 24.82 12.46 28.02
N SER E 226 25.86 12.87 28.73
CA SER E 226 25.87 12.79 30.20
C SER E 226 25.58 14.14 30.85
N GLN E 227 26.46 15.10 30.62
CA GLN E 227 26.40 16.42 31.27
C GLN E 227 25.06 17.13 31.04
N LEU E 228 24.23 16.59 30.15
CA LEU E 228 22.93 17.17 29.82
C LEU E 228 21.75 16.39 30.39
N GLU E 229 20.75 17.12 30.87
CA GLU E 229 19.51 16.56 31.38
C GLU E 229 18.53 16.18 30.32
N HIS E 230 18.26 17.15 29.45
CA HIS E 230 17.29 16.94 28.39
C HIS E 230 17.91 17.01 27.02
N ILE E 231 17.71 15.94 26.27
CA ILE E 231 18.36 15.72 24.98
C ILE E 231 17.33 15.65 23.85
N PRO E 232 16.93 16.82 23.35
CA PRO E 232 15.86 16.91 22.35
C PRO E 232 16.16 15.99 21.17
N ILE E 233 15.11 15.39 20.60
CA ILE E 233 15.24 14.45 19.49
C ILE E 233 15.80 15.15 18.26
N ILE E 234 15.42 16.41 18.07
CA ILE E 234 16.08 17.26 17.09
C ILE E 234 16.45 18.61 17.71
N ARG E 235 17.62 19.13 17.34
CA ARG E 235 18.20 20.25 18.05
C ARG E 235 18.19 21.56 17.28
N GLY E 236 17.66 22.61 17.92
CA GLY E 236 17.65 23.94 17.34
C GLY E 236 18.98 24.62 17.60
N LYS E 237 18.99 25.94 17.62
CA LYS E 237 20.22 26.68 17.87
C LYS E 237 20.91 26.11 19.10
N SER E 238 20.18 26.04 20.21
CA SER E 238 20.76 25.57 21.46
C SER E 238 20.79 24.06 21.57
N LEU E 239 21.87 23.55 22.16
CA LEU E 239 22.08 22.12 22.32
C LEU E 239 20.96 21.39 23.05
N ASP E 240 20.36 22.03 24.05
CA ASP E 240 19.44 21.32 24.94
C ASP E 240 17.97 21.46 24.56
N GLN E 241 17.68 22.23 23.52
CA GLN E 241 16.29 22.52 23.17
C GLN E 241 15.89 22.06 21.78
N TYR E 242 14.60 21.76 21.66
CA TYR E 242 13.97 21.47 20.37
C TYR E 242 13.82 22.81 19.65
N PRO E 243 13.82 22.78 18.30
CA PRO E 243 13.67 24.03 17.57
C PRO E 243 12.34 24.69 17.91
N ARG E 244 12.30 26.02 17.88
CA ARG E 244 11.05 26.76 18.10
C ARG E 244 10.02 26.42 17.01
N GLU E 245 8.74 26.56 17.34
CA GLU E 245 7.64 26.21 16.42
C GLU E 245 7.67 26.93 15.09
N LEU E 246 7.48 28.24 15.15
CA LEU E 246 7.35 29.03 13.95
C LEU E 246 8.45 28.61 12.98
N THR E 247 9.66 28.45 13.50
CA THR E 247 10.81 28.07 12.69
C THR E 247 10.41 26.96 11.76
N LEU E 248 9.99 25.85 12.36
CA LEU E 248 9.47 24.71 11.65
C LEU E 248 8.34 25.12 10.71
N GLY E 249 7.38 25.85 11.22
CA GLY E 249 6.26 26.29 10.41
C GLY E 249 6.68 27.00 9.14
N ASN E 250 7.89 27.56 9.15
CA ASN E 250 8.54 28.10 7.97
C ASN E 250 9.20 27.00 7.14
N TRP E 251 9.97 26.13 7.81
CA TRP E 251 10.64 25.06 7.07
C TRP E 251 9.64 24.23 6.25
N TYR E 252 8.47 24.01 6.82
CA TYR E 252 7.46 23.10 6.28
C TYR E 252 6.89 23.53 4.94
N PRO E 253 6.31 24.72 4.87
CA PRO E 253 5.71 25.13 3.59
C PRO E 253 6.76 25.18 2.49
N THR E 254 7.99 25.52 2.88
CA THR E 254 9.12 25.63 1.96
C THR E 254 9.38 24.36 1.19
N ILE E 255 9.30 23.24 1.90
CA ILE E 255 9.44 21.95 1.28
C ILE E 255 8.17 21.50 0.51
N PHE E 256 6.99 21.80 1.07
CA PHE E 256 5.69 21.44 0.48
C PHE E 256 5.43 22.12 -0.85
N LYS E 257 5.83 23.37 -0.96
CA LYS E 257 5.94 24.05 -2.23
C LYS E 257 6.86 23.28 -3.17
N TYR E 258 8.12 23.13 -2.76
CA TYR E 258 9.14 22.48 -3.58
C TYR E 258 8.61 21.16 -4.13
N CYS E 259 7.88 20.42 -3.28
CA CYS E 259 7.27 19.16 -3.70
C CYS E 259 5.90 19.35 -4.36
N GLN E 260 5.38 20.57 -4.30
CA GLN E 260 4.09 20.92 -4.90
C GLN E 260 2.95 20.10 -4.34
N LEU E 261 2.89 20.06 -3.02
CA LEU E 261 1.78 19.44 -2.32
C LEU E 261 1.19 20.51 -1.44
N PRO E 262 -0.15 20.51 -1.32
CA PRO E 262 -0.88 21.49 -0.51
C PRO E 262 -0.55 21.34 0.97
N TYR E 263 -0.41 22.46 1.66
CA TYR E 263 0.06 22.45 3.04
C TYR E 263 -0.97 23.00 4.04
N THR E 264 -1.21 22.24 5.10
CA THR E 264 -2.06 22.67 6.19
C THR E 264 -1.32 22.50 7.50
N LYS E 265 -1.02 23.62 8.17
CA LYS E 265 -0.20 23.60 9.38
C LYS E 265 -0.77 22.72 10.49
N LYS E 266 -2.08 22.80 10.66
CA LYS E 266 -2.78 22.05 11.68
C LYS E 266 -2.50 20.55 11.60
N HIS E 267 -2.33 20.05 10.39
CA HIS E 267 -2.05 18.62 10.21
C HIS E 267 -0.80 18.18 10.95
N TRP E 268 0.30 18.90 10.72
CA TRP E 268 1.58 18.51 11.30
C TRP E 268 1.94 19.14 12.64
N PHE E 269 1.28 20.21 13.03
CA PHE E 269 1.59 20.81 14.33
C PHE E 269 0.62 20.46 15.44
N GLN E 270 -0.44 19.74 15.09
CA GLN E 270 -1.43 19.33 16.07
C GLN E 270 -2.01 18.00 15.65
N VAL E 271 -2.57 17.28 16.62
CA VAL E 271 -3.09 15.94 16.39
C VAL E 271 -4.07 16.00 15.24
N ASN E 272 -3.98 15.05 14.32
CA ASN E 272 -4.91 14.99 13.20
C ASN E 272 -5.90 13.85 13.40
N GLN E 273 -7.17 14.19 13.64
CA GLN E 273 -8.19 13.20 14.07
C GLN E 273 -8.84 12.30 13.05
N GLU E 274 -8.97 12.77 11.81
CA GLU E 274 -9.31 11.87 10.74
C GLU E 274 -8.27 10.74 10.81
N TRP E 275 -7.11 11.05 11.37
CA TRP E 275 -6.03 10.07 11.51
C TRP E 275 -6.06 9.24 12.79
N PRO E 276 -5.49 8.04 12.72
CA PRO E 276 -5.30 7.13 13.86
C PRO E 276 -4.32 7.69 14.89
N GLN E 277 -4.40 7.16 16.11
CA GLN E 277 -3.57 7.59 17.24
C GLN E 277 -3.21 6.40 18.13
N PHE E 278 -2.23 6.58 18.99
CA PHE E 278 -1.97 5.57 20.01
C PHE E 278 -2.88 5.86 21.21
N PRO E 279 -3.31 4.81 21.93
CA PRO E 279 -4.04 5.00 23.18
C PRO E 279 -3.16 5.74 24.18
N ASP E 280 -3.63 5.94 25.41
CA ASP E 280 -2.79 6.46 26.47
C ASP E 280 -2.85 5.55 27.69
N PHE E 281 -1.75 5.49 28.42
CA PHE E 281 -1.66 4.57 29.55
C PHE E 281 -1.04 5.23 30.77
N SER E 282 -1.78 5.18 31.87
CA SER E 282 -1.32 5.69 33.15
C SER E 282 -1.29 4.55 34.17
N GLU E 293 10.85 -3.54 27.09
CA GLU E 293 9.90 -4.25 27.94
C GLU E 293 8.64 -4.59 27.17
N SER E 294 8.53 -5.85 26.74
CA SER E 294 7.40 -6.26 25.91
C SER E 294 7.06 -7.73 26.08
N ASP E 295 6.09 -8.17 25.28
CA ASP E 295 5.53 -9.52 25.34
C ASP E 295 5.03 -9.92 23.96
N SER E 296 4.67 -11.20 23.80
CA SER E 296 4.27 -11.71 22.50
C SER E 296 3.36 -10.75 21.75
N GLU E 297 2.19 -10.46 22.30
CA GLU E 297 1.23 -9.64 21.57
C GLU E 297 1.28 -8.11 21.79
N ASN E 298 1.99 -7.63 22.80
CA ASN E 298 2.07 -6.18 23.01
C ASN E 298 3.49 -5.69 23.29
N THR E 299 3.74 -4.41 23.08
CA THR E 299 5.11 -3.94 23.25
C THR E 299 5.31 -3.12 24.52
N ILE E 300 4.87 -1.87 24.55
CA ILE E 300 5.10 -1.09 25.76
C ILE E 300 3.85 -1.21 26.63
N GLY E 301 2.79 -0.50 26.27
CA GLY E 301 1.47 -0.83 26.79
C GLY E 301 0.53 -1.33 25.70
N ILE E 302 1.06 -1.34 24.47
CA ILE E 302 0.25 -1.33 23.26
C ILE E 302 0.22 -2.62 22.46
N PRO E 303 -0.98 -3.09 22.09
CA PRO E 303 -1.11 -4.21 21.15
C PRO E 303 -0.30 -3.94 19.91
N ASP E 304 0.28 -4.99 19.34
CA ASP E 304 1.19 -4.86 18.22
C ASP E 304 0.51 -4.42 16.93
N PHE E 305 -0.73 -4.83 16.70
CA PHE E 305 -1.41 -4.40 15.48
C PHE E 305 -1.46 -2.88 15.36
N TYR E 306 -1.56 -2.20 16.52
CA TYR E 306 -1.52 -0.74 16.56
C TYR E 306 -0.21 -0.24 15.94
N ILE E 307 0.88 -0.84 16.39
CA ILE E 307 2.21 -0.47 15.94
C ILE E 307 2.43 -0.80 14.45
N GLU E 308 2.13 -2.04 14.07
CA GLU E 308 2.29 -2.48 12.68
C GLU E 308 1.48 -1.62 11.73
N LYS E 309 0.29 -1.23 12.17
CA LYS E 309 -0.61 -0.45 11.36
C LYS E 309 -0.17 1.00 11.22
N MET E 310 0.23 1.61 12.32
CA MET E 310 0.59 3.04 12.32
C MET E 310 1.99 3.26 11.76
N ASN E 311 2.84 2.26 11.90
CA ASN E 311 4.15 2.30 11.28
C ASN E 311 4.13 1.53 9.95
N ARG E 312 2.97 0.98 9.61
CA ARG E 312 2.71 0.41 8.29
C ARG E 312 3.79 -0.59 7.83
N THR E 313 4.35 -1.34 8.76
CA THR E 313 5.31 -2.38 8.40
C THR E 313 5.28 -3.54 9.39
N LYS E 314 5.46 -4.74 8.87
CA LYS E 314 5.45 -5.94 9.70
C LYS E 314 6.55 -5.78 10.72
N LEU E 315 6.34 -6.32 11.92
CA LEU E 315 7.37 -6.31 12.94
C LEU E 315 8.48 -7.33 12.64
N GLN E 316 9.73 -6.90 12.78
CA GLN E 316 10.89 -7.78 12.57
C GLN E 316 11.85 -7.76 13.75
N PRO E 317 12.73 -8.76 13.82
CA PRO E 317 13.87 -8.79 14.74
C PRO E 317 15.01 -7.89 14.25
N CYS E 318 15.77 -7.29 15.16
CA CYS E 318 16.87 -6.43 14.75
C CYS E 318 17.91 -7.28 14.03
N PRO E 319 18.33 -6.86 12.82
CA PRO E 319 19.34 -7.70 12.17
C PRO E 319 20.61 -7.49 12.96
N GLN E 320 21.56 -8.41 12.86
CA GLN E 320 22.87 -8.19 13.42
C GLN E 320 23.87 -7.81 12.32
N VAL E 321 24.29 -6.55 12.32
CA VAL E 321 25.51 -6.08 11.60
C VAL E 321 26.79 -6.40 12.38
N HIS E 322 27.92 -6.54 11.68
CA HIS E 322 29.26 -6.49 12.35
C HIS E 322 29.96 -5.11 12.41
N VAL E 323 29.42 -4.11 11.72
CA VAL E 323 30.17 -2.85 11.54
C VAL E 323 29.66 -1.74 12.46
N HIS E 324 30.54 -1.07 13.19
CA HIS E 324 30.05 -0.04 14.11
C HIS E 324 30.43 1.39 13.71
N LEU E 325 29.44 2.13 13.22
CA LEU E 325 29.60 3.56 12.97
C LEU E 325 29.33 4.38 14.22
N PHE E 326 28.44 3.87 15.08
CA PHE E 326 28.18 4.49 16.37
C PHE E 326 29.05 3.87 17.46
N PRO E 327 29.37 4.65 18.50
CA PRO E 327 30.20 4.24 19.65
C PRO E 327 29.69 2.98 20.31
N THR E 328 30.59 2.09 20.71
CA THR E 328 30.19 0.92 21.49
C THR E 328 30.42 1.14 22.98
N ASP E 329 31.01 2.29 23.30
CA ASP E 329 31.29 2.66 24.68
C ASP E 329 30.38 3.80 25.13
N LEU E 330 29.50 3.52 26.07
CA LEU E 330 28.47 4.48 26.42
C LEU E 330 27.64 4.04 27.61
N PRO E 331 27.04 5.01 28.29
CA PRO E 331 26.14 4.69 29.40
C PRO E 331 25.16 3.63 28.93
N PRO E 332 24.86 2.65 29.80
CA PRO E 332 24.00 1.52 29.45
C PRO E 332 22.64 1.95 28.95
N ASP E 333 22.13 3.05 29.50
CA ASP E 333 20.81 3.55 29.15
C ASP E 333 20.64 3.78 27.65
N ILE E 334 21.50 4.61 27.08
CA ILE E 334 21.43 5.05 25.69
C ILE E 334 22.00 4.03 24.69
N GLN E 335 22.89 3.18 25.19
CA GLN E 335 23.57 2.23 24.32
C GLN E 335 22.62 1.44 23.41
N ALA E 336 21.71 0.70 24.03
CA ALA E 336 20.79 -0.16 23.29
C ALA E 336 20.12 0.55 22.09
N VAL E 337 19.70 1.80 22.32
CA VAL E 337 19.30 2.72 21.24
C VAL E 337 20.38 2.81 20.17
N PHE E 338 21.53 3.35 20.54
CA PHE E 338 22.55 3.58 19.53
C PHE E 338 22.99 2.32 18.79
N ASP E 339 22.82 1.16 19.43
CA ASP E 339 23.13 -0.10 18.77
C ASP E 339 22.06 -0.35 17.73
N LEU E 340 20.80 -0.08 18.10
CA LEU E 340 19.68 -0.15 17.13
C LEU E 340 19.95 0.76 15.90
N LEU E 341 20.09 2.06 16.14
CA LEU E 341 20.46 3.04 15.10
C LEU E 341 21.67 2.62 14.25
N ASN E 342 22.67 2.05 14.91
CA ASN E 342 23.76 1.44 14.17
C ASN E 342 23.20 0.38 13.23
N SER E 343 22.40 -0.55 13.75
CA SER E 343 21.88 -1.65 12.95
C SER E 343 21.14 -1.16 11.70
N VAL E 344 20.17 -0.28 11.90
CA VAL E 344 19.40 0.23 10.78
C VAL E 344 20.31 0.93 9.80
N LEU E 345 21.10 1.88 10.31
CA LEU E 345 22.02 2.65 9.50
C LEU E 345 22.89 1.77 8.64
N VAL E 346 23.63 0.89 9.28
CA VAL E 346 24.53 0.01 8.58
C VAL E 346 23.79 -0.91 7.62
N THR E 347 22.54 -1.24 7.94
CA THR E 347 21.79 -2.14 7.09
C THR E 347 21.46 -1.48 5.77
N SER E 348 20.96 -0.25 5.86
CA SER E 348 20.46 0.43 4.67
C SER E 348 21.47 1.38 4.01
N LEU E 349 22.65 1.53 4.61
CA LEU E 349 23.61 2.51 4.11
C LEU E 349 24.13 2.20 2.71
N PRO E 350 24.34 0.90 2.43
CA PRO E 350 24.68 0.57 1.04
C PRO E 350 23.70 1.14 0.02
N LEU E 351 22.41 0.98 0.29
CA LEU E 351 21.42 1.53 -0.63
C LEU E 351 21.63 3.04 -0.81
N LEU E 352 21.67 3.77 0.30
CA LEU E 352 21.77 5.22 0.24
C LEU E 352 22.93 5.66 -0.63
N TYR E 353 24.00 4.86 -0.62
CA TYR E 353 25.23 5.13 -1.34
C TYR E 353 25.08 4.94 -2.85
N ARG E 354 24.23 4.00 -3.23
CA ARG E 354 23.99 3.67 -4.63
C ARG E 354 23.05 4.68 -5.28
N VAL E 355 22.22 5.32 -4.46
CA VAL E 355 21.28 6.33 -4.91
C VAL E 355 21.89 7.72 -4.81
N PHE E 356 22.24 8.13 -3.58
CA PHE E 356 22.80 9.45 -3.37
C PHE E 356 24.24 9.36 -2.84
N PRO E 357 25.17 8.94 -3.71
CA PRO E 357 26.59 8.83 -3.31
C PRO E 357 27.12 10.20 -2.94
N THR E 358 26.36 11.22 -3.34
CA THR E 358 26.74 12.62 -3.15
C THR E 358 26.28 13.15 -1.79
N HIS E 359 25.76 12.26 -0.96
CA HIS E 359 25.25 12.65 0.35
C HIS E 359 26.36 13.05 1.32
N ASP E 360 26.07 14.03 2.17
CA ASP E 360 27.04 14.51 3.16
C ASP E 360 27.72 13.41 3.97
N ILE E 361 26.94 12.40 4.37
CA ILE E 361 27.46 11.34 5.23
C ILE E 361 28.70 10.63 4.66
N PHE E 362 28.79 10.53 3.33
CA PHE E 362 29.86 9.80 2.67
C PHE E 362 31.15 10.62 2.61
N LEU E 363 31.07 11.89 3.01
CA LEU E 363 32.24 12.76 2.95
C LEU E 363 33.11 12.65 4.18
N ASP E 364 32.64 11.93 5.19
CA ASP E 364 33.47 11.68 6.35
C ASP E 364 34.62 10.74 5.95
N PRO E 365 35.83 11.02 6.42
CA PRO E 365 36.83 10.03 6.05
C PRO E 365 36.41 8.66 6.56
N SER E 366 35.83 8.64 7.75
CA SER E 366 35.57 7.37 8.39
C SER E 366 34.90 6.41 7.44
N LEU E 367 33.98 6.93 6.63
CA LEU E 367 33.38 6.12 5.56
C LEU E 367 34.32 5.90 4.37
N LYS E 368 35.48 6.54 4.39
CA LYS E 368 36.44 6.44 3.27
C LYS E 368 37.45 5.30 3.40
N THR E 369 37.47 4.61 4.54
CA THR E 369 38.45 3.54 4.76
C THR E 369 38.29 2.44 3.72
N PRO E 370 39.34 1.63 3.51
CA PRO E 370 39.23 0.55 2.52
C PRO E 370 38.06 -0.36 2.83
N GLN E 371 37.81 -0.58 4.12
CA GLN E 371 36.75 -1.51 4.51
C GLN E 371 35.38 -0.89 4.30
N ASN E 372 35.09 0.19 5.01
CA ASN E 372 33.79 0.82 4.84
C ASN E 372 33.46 1.00 3.36
N ILE E 373 34.46 1.36 2.56
CA ILE E 373 34.25 1.39 1.11
C ILE E 373 33.94 -0.02 0.61
N ALA E 374 34.60 -1.02 1.18
CA ALA E 374 34.34 -2.41 0.82
C ALA E 374 32.87 -2.80 0.99
N PHE E 375 32.29 -2.50 2.15
CA PHE E 375 30.92 -2.93 2.43
C PHE E 375 29.85 -2.05 1.79
N LEU E 376 30.15 -0.76 1.60
CA LEU E 376 29.24 0.10 0.85
C LEU E 376 29.11 -0.42 -0.56
N THR E 377 30.18 -1.06 -1.04
CA THR E 377 30.26 -1.57 -2.40
C THR E 377 29.82 -3.03 -2.54
N GLY E 378 29.60 -3.70 -1.41
CA GLY E 378 29.26 -5.11 -1.43
C GLY E 378 27.84 -5.36 -1.86
N THR E 379 27.30 -6.52 -1.48
CA THR E 379 25.93 -6.90 -1.83
C THR E 379 24.94 -5.81 -1.41
N LEU E 380 23.88 -5.63 -2.19
CA LEU E 380 22.87 -4.61 -1.90
C LEU E 380 21.79 -5.14 -0.95
N PRO E 381 21.23 -4.27 -0.09
CA PRO E 381 20.22 -4.74 0.88
C PRO E 381 18.97 -5.28 0.19
N LEU E 382 18.47 -4.53 -0.78
CA LEU E 382 17.41 -5.00 -1.66
C LEU E 382 17.66 -4.39 -3.03
N ASP E 383 17.36 -5.13 -4.09
CA ASP E 383 17.65 -4.68 -5.45
C ASP E 383 17.06 -3.31 -5.70
N ILE E 384 17.77 -2.48 -6.46
CA ILE E 384 17.27 -1.17 -6.88
C ILE E 384 15.86 -1.23 -7.48
N GLU E 385 15.60 -2.24 -8.31
CA GLU E 385 14.43 -2.23 -9.19
C GLU E 385 13.20 -2.14 -8.31
N SER E 386 13.45 -2.23 -7.01
CA SER E 386 12.44 -1.99 -6.01
C SER E 386 12.14 -0.49 -5.78
N GLN E 387 13.19 0.35 -5.78
CA GLN E 387 13.00 1.78 -5.45
C GLN E 387 12.72 2.69 -6.65
N GLU E 388 12.59 2.10 -7.84
CA GLU E 388 12.30 2.88 -9.07
C GLU E 388 11.22 3.93 -8.85
N HIS E 389 10.03 3.49 -8.47
CA HIS E 389 8.98 4.47 -8.27
C HIS E 389 9.52 5.59 -7.43
N LEU E 390 10.19 5.23 -6.34
CA LEU E 390 10.37 6.15 -5.23
C LEU E 390 11.12 7.32 -5.76
N LEU E 391 12.18 7.00 -6.48
CA LEU E 391 12.91 7.97 -7.27
C LEU E 391 12.02 8.76 -8.25
N ALA E 392 11.07 8.11 -8.89
CA ALA E 392 10.26 8.80 -9.92
C ALA E 392 9.60 10.07 -9.36
N GLN E 393 9.55 10.17 -8.04
CA GLN E 393 8.67 11.09 -7.34
C GLN E 393 9.36 12.40 -6.99
N LEU E 394 10.59 12.63 -7.43
CA LEU E 394 11.23 13.91 -7.12
C LEU E 394 11.30 14.85 -8.32
N ILE E 395 11.65 16.11 -8.04
CA ILE E 395 11.73 17.15 -9.07
C ILE E 395 13.13 17.54 -9.56
N ASP E 396 14.17 16.95 -8.96
CA ASP E 396 15.55 17.13 -9.43
C ASP E 396 16.19 15.78 -9.65
N LYS E 397 16.44 15.43 -10.90
CA LYS E 397 17.12 14.19 -11.24
C LYS E 397 18.62 14.41 -10.98
N THR E 398 19.24 13.45 -10.32
CA THR E 398 20.65 13.58 -9.98
C THR E 398 21.54 13.18 -11.14
N GLY E 399 22.84 13.09 -10.89
CA GLY E 399 23.80 12.66 -11.90
C GLY E 399 23.54 11.23 -12.33
N THR E 400 22.95 10.46 -11.42
CA THR E 400 22.57 9.08 -11.70
C THR E 400 21.08 8.99 -11.98
N VAL E 401 20.74 8.70 -13.24
CA VAL E 401 19.35 8.60 -13.65
C VAL E 401 18.97 7.16 -13.99
N SER E 402 18.07 6.60 -13.20
CA SER E 402 17.56 5.24 -13.43
C SER E 402 16.10 5.11 -13.03
N MET F 1 11.91 -41.74 -6.97
CA MET F 1 11.75 -43.14 -7.33
C MET F 1 12.93 -43.99 -6.84
N SER F 2 12.86 -45.28 -7.13
CA SER F 2 13.96 -46.20 -6.81
C SER F 2 15.27 -45.77 -7.48
N LYS F 3 15.19 -45.50 -8.78
CA LYS F 3 16.36 -45.14 -9.56
C LYS F 3 16.64 -43.63 -9.53
N LEU F 4 15.84 -42.92 -8.73
CA LEU F 4 16.16 -41.53 -8.46
C LEU F 4 17.36 -41.45 -7.54
N ASP F 5 17.26 -42.03 -6.35
CA ASP F 5 18.15 -41.64 -5.24
C ASP F 5 19.61 -41.45 -5.65
N SER F 6 20.12 -42.34 -6.50
CA SER F 6 21.52 -42.30 -6.96
C SER F 6 21.98 -40.97 -7.56
N LEU F 7 21.05 -40.21 -8.13
CA LEU F 7 21.36 -38.92 -8.75
C LEU F 7 21.39 -37.74 -7.75
N LEU F 8 21.10 -37.97 -6.47
CA LEU F 8 21.32 -36.95 -5.44
C LEU F 8 22.65 -37.20 -4.77
N LYS F 9 23.24 -38.30 -5.19
CA LYS F 9 24.63 -38.52 -5.02
C LYS F 9 25.41 -37.35 -5.57
N GLU F 10 25.12 -37.12 -6.83
CA GLU F 10 25.93 -36.38 -7.79
C GLU F 10 26.30 -34.97 -7.38
N LEU F 11 25.50 -34.40 -6.49
CA LEU F 11 25.59 -33.00 -6.09
C LEU F 11 26.35 -32.81 -4.76
N PRO F 12 26.38 -31.56 -4.25
CA PRO F 12 26.73 -31.18 -2.87
C PRO F 12 25.87 -31.90 -1.83
N THR F 13 26.46 -32.44 -0.76
CA THR F 13 25.68 -33.10 0.28
C THR F 13 24.57 -32.18 0.76
N ARG F 14 24.94 -30.97 1.13
CA ARG F 14 24.00 -30.02 1.68
C ARG F 14 22.81 -29.77 0.75
N THR F 15 23.11 -29.44 -0.50
CA THR F 15 22.07 -29.14 -1.49
C THR F 15 21.32 -30.39 -1.99
N ALA F 16 21.88 -31.57 -1.71
CA ALA F 16 21.18 -32.83 -1.92
C ALA F 16 20.12 -32.94 -0.85
N HIS F 17 20.55 -32.62 0.36
CA HIS F 17 19.75 -32.82 1.54
C HIS F 17 18.55 -31.89 1.54
N LEU F 18 18.82 -30.61 1.35
CA LEU F 18 17.78 -29.60 1.22
C LEU F 18 16.69 -30.04 0.22
N TYR F 19 17.11 -30.57 -0.93
CA TYR F 19 16.15 -31.10 -1.90
C TYR F 19 15.40 -32.30 -1.34
N ARG F 20 16.13 -33.20 -0.68
CA ARG F 20 15.49 -34.37 -0.07
C ARG F 20 14.29 -33.94 0.79
N SER F 21 14.53 -32.97 1.67
CA SER F 21 13.46 -32.44 2.52
C SER F 21 12.32 -31.77 1.72
N ILE F 22 12.68 -30.84 0.82
CA ILE F 22 11.65 -30.18 0.01
C ILE F 22 10.75 -31.24 -0.62
N TRP F 23 11.39 -32.27 -1.16
CA TRP F 23 10.68 -33.38 -1.73
C TRP F 23 9.73 -33.97 -0.69
N HIS F 24 10.28 -34.40 0.44
CA HIS F 24 9.45 -35.09 1.43
C HIS F 24 8.20 -34.29 1.76
N LYS F 25 8.39 -33.02 2.11
CA LYS F 25 7.25 -32.14 2.35
C LYS F 25 6.33 -32.28 1.18
N TYR F 26 6.82 -31.82 0.04
CA TYR F 26 5.97 -31.64 -1.11
C TYR F 26 5.10 -32.89 -1.35
N THR F 27 5.71 -34.08 -1.38
CA THR F 27 4.95 -35.33 -1.55
C THR F 27 3.94 -35.70 -0.43
N GLU F 28 4.39 -35.51 0.81
CA GLU F 28 3.55 -35.68 1.99
C GLU F 28 2.36 -34.72 1.97
N TRP F 29 2.51 -33.61 1.25
CA TRP F 29 1.42 -32.69 1.00
C TRP F 29 0.48 -33.23 -0.06
N LEU F 30 1.04 -33.78 -1.16
CA LEU F 30 0.22 -34.26 -2.29
C LEU F 30 -0.65 -35.44 -1.92
N LYS F 31 -0.28 -36.15 -0.87
CA LYS F 31 -1.17 -37.21 -0.41
C LYS F 31 -2.57 -36.60 -0.29
N THR F 32 -2.58 -35.34 0.12
CA THR F 32 -3.80 -34.57 0.39
C THR F 32 -4.71 -34.41 -0.83
N MET F 33 -4.22 -34.75 -2.02
CA MET F 33 -5.01 -34.57 -3.25
C MET F 33 -5.29 -35.94 -3.91
N PRO F 34 -6.32 -36.01 -4.76
CA PRO F 34 -6.83 -37.28 -5.31
C PRO F 34 -5.79 -38.15 -6.01
N ASP F 35 -4.95 -37.56 -6.85
CA ASP F 35 -3.99 -38.34 -7.64
C ASP F 35 -2.87 -37.45 -8.19
N ASP F 40 2.57 -42.81 -13.16
CA ASP F 40 2.66 -42.30 -11.79
C ASP F 40 3.93 -41.48 -11.49
N LEU F 41 4.51 -40.79 -12.48
CA LEU F 41 5.72 -40.02 -12.18
C LEU F 41 5.73 -38.53 -12.56
N LYS F 42 5.95 -38.27 -13.85
CA LYS F 42 6.22 -36.90 -14.28
C LYS F 42 4.95 -36.08 -14.20
N LEU F 43 3.84 -36.80 -14.27
CA LEU F 43 2.54 -36.22 -14.06
C LEU F 43 2.71 -35.43 -12.85
N PHE F 44 3.24 -36.12 -11.86
CA PHE F 44 3.11 -35.51 -10.58
C PHE F 44 3.74 -34.13 -10.45
N LEU F 45 4.73 -33.80 -11.28
CA LEU F 45 5.22 -32.40 -11.36
C LEU F 45 4.51 -31.66 -12.49
N SER F 46 3.64 -30.73 -12.10
CA SER F 46 2.90 -29.90 -13.02
C SER F 46 2.79 -28.53 -12.39
N GLN F 47 2.86 -27.50 -13.23
CA GLN F 47 2.83 -26.13 -12.74
C GLN F 47 1.72 -25.97 -11.72
N LYS F 48 0.56 -26.57 -12.00
CA LYS F 48 -0.60 -26.47 -11.13
C LYS F 48 -0.25 -26.81 -9.68
N TYR F 49 0.30 -28.00 -9.47
CA TYR F 49 0.51 -28.54 -8.11
C TYR F 49 1.61 -27.81 -7.38
N ILE F 50 2.69 -27.48 -8.10
CA ILE F 50 3.81 -26.78 -7.53
C ILE F 50 3.40 -25.38 -7.08
N VAL F 51 2.69 -24.67 -7.96
CA VAL F 51 2.18 -23.33 -7.68
C VAL F 51 1.19 -23.33 -6.50
N LYS F 52 0.26 -24.27 -6.53
CA LYS F 52 -0.68 -24.42 -5.41
C LYS F 52 0.08 -24.58 -4.11
N TYR F 53 1.01 -25.53 -4.09
CA TYR F 53 1.85 -25.80 -2.92
C TYR F 53 2.58 -24.57 -2.39
N ILE F 54 3.33 -23.91 -3.27
CA ILE F 54 4.11 -22.74 -2.90
C ILE F 54 3.25 -21.62 -2.34
N ALA F 55 2.16 -21.29 -3.03
CA ALA F 55 1.32 -20.17 -2.60
C ALA F 55 0.52 -20.49 -1.35
N SER F 56 0.14 -21.76 -1.19
CA SER F 56 -0.73 -22.16 -0.09
C SER F 56 0.01 -22.30 1.24
N HIS F 57 1.33 -22.19 1.18
CA HIS F 57 2.13 -22.28 2.40
C HIS F 57 2.87 -20.96 2.62
N ASP F 58 2.51 -20.25 3.69
CA ASP F 58 3.15 -18.98 4.00
C ASP F 58 4.65 -19.15 4.20
N ASP F 59 4.99 -20.23 4.89
CA ASP F 59 6.38 -20.60 5.13
C ASP F 59 7.20 -20.50 3.85
N ILE F 60 6.86 -21.35 2.89
CA ILE F 60 7.45 -21.32 1.56
C ILE F 60 7.24 -19.96 0.87
N ALA F 61 5.98 -19.52 0.81
CA ALA F 61 5.61 -18.34 0.02
C ALA F 61 6.55 -17.17 0.28
N LYS F 62 6.93 -16.99 1.54
CA LYS F 62 7.93 -15.97 1.87
C LYS F 62 9.32 -16.25 1.29
N ASP F 63 9.66 -17.53 1.14
CA ASP F 63 10.95 -17.90 0.57
C ASP F 63 10.80 -19.05 -0.42
N PRO F 64 10.19 -18.76 -1.58
CA PRO F 64 9.80 -19.73 -2.62
C PRO F 64 11.01 -20.30 -3.38
N LEU F 65 12.10 -19.55 -3.41
CA LEU F 65 13.22 -19.82 -4.31
C LEU F 65 13.89 -21.21 -4.23
N PRO F 66 14.30 -21.62 -3.02
CA PRO F 66 14.91 -22.95 -2.91
C PRO F 66 14.02 -24.06 -3.47
N THR F 67 12.73 -23.95 -3.15
CA THR F 67 11.70 -24.82 -3.68
C THR F 67 11.64 -24.83 -5.21
N CYS F 68 11.56 -23.63 -5.79
CA CYS F 68 11.46 -23.47 -7.24
C CYS F 68 12.64 -24.15 -7.95
N ASP F 69 13.85 -23.86 -7.51
CA ASP F 69 15.05 -24.52 -8.04
C ASP F 69 15.02 -26.04 -7.88
N ALA F 70 14.77 -26.48 -6.66
CA ALA F 70 14.69 -27.89 -6.35
C ALA F 70 13.76 -28.56 -7.36
N MET F 71 12.62 -27.92 -7.59
CA MET F 71 11.67 -28.42 -8.57
C MET F 71 12.25 -28.43 -9.99
N ILE F 72 12.88 -27.35 -10.44
CA ILE F 72 13.44 -27.35 -11.80
C ILE F 72 14.43 -28.50 -11.96
N TRP F 73 15.21 -28.73 -10.92
CA TRP F 73 16.14 -29.86 -10.87
C TRP F 73 15.39 -31.17 -11.04
N PHE F 74 14.57 -31.51 -10.06
CA PHE F 74 13.90 -32.79 -10.09
C PHE F 74 13.38 -32.96 -11.51
N SER F 75 12.66 -31.95 -11.98
CA SER F 75 12.11 -31.97 -13.33
C SER F 75 13.14 -32.39 -14.36
N ARG F 76 14.09 -31.51 -14.67
CA ARG F 76 15.08 -31.82 -15.69
C ARG F 76 15.92 -33.02 -15.25
N ALA F 77 15.88 -33.33 -13.96
CA ALA F 77 16.64 -34.44 -13.39
C ALA F 77 15.93 -35.77 -13.58
N LEU F 78 14.75 -35.71 -14.20
CA LEU F 78 14.04 -36.88 -14.71
C LEU F 78 13.87 -36.55 -16.19
N ASP F 79 13.14 -37.35 -16.94
CA ASP F 79 13.04 -36.98 -18.35
C ASP F 79 11.84 -36.09 -18.54
N ILE F 80 12.16 -34.83 -18.77
CA ILE F 80 11.18 -33.83 -19.10
C ILE F 80 11.86 -33.04 -20.15
N GLU F 81 11.05 -32.62 -21.10
CA GLU F 81 11.55 -32.08 -22.33
C GLU F 81 12.06 -30.61 -22.04
N ASN F 82 13.08 -30.10 -22.75
CA ASN F 82 13.94 -28.92 -22.34
C ASN F 82 13.28 -27.52 -22.21
N ASN F 83 12.86 -26.97 -23.34
CA ASN F 83 11.97 -25.85 -23.29
C ASN F 83 10.84 -26.05 -22.27
N ASP F 84 10.17 -27.19 -22.31
CA ASP F 84 9.16 -27.47 -21.30
C ASP F 84 9.70 -27.11 -19.91
N VAL F 85 10.76 -27.78 -19.47
CA VAL F 85 11.30 -27.45 -18.15
C VAL F 85 11.55 -25.94 -17.99
N LEU F 86 12.10 -25.33 -19.03
CA LEU F 86 12.40 -23.90 -19.04
C LEU F 86 11.15 -23.00 -18.95
N VAL F 87 10.04 -23.44 -19.54
CA VAL F 87 8.75 -22.80 -19.41
C VAL F 87 8.47 -22.85 -17.93
N LEU F 88 8.50 -24.06 -17.35
CA LEU F 88 8.18 -24.18 -15.93
C LEU F 88 8.96 -23.19 -15.09
N GLN F 89 10.24 -23.07 -15.39
CA GLN F 89 11.08 -22.04 -14.79
C GLN F 89 10.48 -20.63 -14.99
N GLN F 90 10.08 -20.33 -16.22
CA GLN F 90 9.47 -19.05 -16.57
C GLN F 90 8.30 -18.79 -15.64
N ARG F 91 7.40 -19.76 -15.57
CA ARG F 91 6.24 -19.68 -14.70
C ARG F 91 6.64 -19.38 -13.26
N LEU F 92 7.39 -20.29 -12.65
CA LEU F 92 7.86 -20.11 -11.27
C LEU F 92 8.45 -18.73 -10.96
N TYR F 93 9.50 -18.33 -11.68
CA TYR F 93 10.07 -17.00 -11.52
C TYR F 93 8.99 -15.90 -11.57
N GLY F 94 8.10 -16.00 -12.57
CA GLY F 94 6.97 -15.10 -12.70
C GLY F 94 6.13 -15.04 -11.43
N LEU F 95 5.87 -16.22 -10.87
CA LEU F 95 5.26 -16.34 -9.55
C LEU F 95 6.06 -15.51 -8.55
N VAL F 96 7.32 -15.87 -8.33
CA VAL F 96 8.10 -15.22 -7.28
C VAL F 96 8.00 -13.69 -7.34
N LYS F 97 8.22 -13.10 -8.51
CA LYS F 97 7.99 -11.66 -8.65
C LYS F 97 6.61 -11.31 -8.15
N LEU F 98 5.62 -12.03 -8.65
CA LEU F 98 4.26 -11.78 -8.21
C LEU F 98 4.10 -11.73 -6.68
N LEU F 99 4.71 -12.67 -5.96
CA LEU F 99 4.56 -12.77 -4.51
C LEU F 99 5.29 -11.67 -3.79
N GLU F 100 6.56 -11.51 -4.18
CA GLU F 100 7.49 -10.66 -3.45
C GLU F 100 7.26 -9.20 -3.78
N PHE F 101 6.83 -8.92 -5.02
CA PHE F 101 6.78 -7.56 -5.54
C PHE F 101 6.09 -6.54 -4.63
N ASP F 102 6.77 -5.43 -4.40
CA ASP F 102 6.19 -4.39 -3.59
C ASP F 102 5.61 -3.28 -4.47
N TYR F 103 4.28 -3.24 -4.54
CA TYR F 103 3.56 -2.23 -5.32
C TYR F 103 3.54 -0.90 -4.55
N SER F 104 3.98 -0.95 -3.28
CA SER F 104 3.85 0.17 -2.34
C SER F 104 4.56 1.37 -2.93
N ASN F 105 5.32 1.07 -3.95
CA ASN F 105 6.26 1.99 -4.56
C ASN F 105 5.67 2.54 -5.86
N VAL F 106 5.52 1.67 -6.84
CA VAL F 106 4.96 2.03 -8.14
C VAL F 106 3.64 2.86 -8.01
N ILE F 107 2.94 2.62 -6.91
CA ILE F 107 1.60 3.13 -6.66
C ILE F 107 1.34 4.60 -6.97
N ALA F 108 2.11 5.49 -6.35
CA ALA F 108 1.84 6.91 -6.46
C ALA F 108 1.91 7.43 -7.89
N ILE F 109 2.43 6.63 -8.82
CA ILE F 109 2.42 7.08 -10.21
C ILE F 109 1.01 6.92 -10.75
N LEU F 110 0.44 5.74 -10.54
CA LEU F 110 -0.94 5.49 -10.84
C LEU F 110 -1.75 6.62 -10.24
N GLN F 111 -1.77 6.65 -8.91
CA GLN F 111 -2.56 7.63 -8.19
C GLN F 111 -2.36 8.99 -8.86
N LYS F 112 -1.15 9.52 -8.74
CA LYS F 112 -0.83 10.89 -9.17
C LYS F 112 -1.32 11.23 -10.57
N ILE F 113 -1.43 10.21 -11.41
CA ILE F 113 -1.94 10.40 -12.76
C ILE F 113 -3.48 10.39 -12.80
N SER F 114 -4.06 9.24 -12.46
CA SER F 114 -5.46 8.98 -12.73
C SER F 114 -6.29 10.15 -12.25
N ILE F 115 -5.99 10.63 -11.04
CA ILE F 115 -6.69 11.77 -10.44
C ILE F 115 -6.76 12.95 -11.41
N ASN F 116 -5.58 13.44 -11.77
CA ASN F 116 -5.43 14.49 -12.77
C ASN F 116 -6.15 14.19 -14.07
N LEU F 117 -6.17 12.93 -14.49
CA LEU F 117 -6.81 12.61 -15.75
C LEU F 117 -8.32 12.64 -15.62
N TRP F 118 -8.78 12.43 -14.38
CA TRP F 118 -10.19 12.54 -14.08
C TRP F 118 -10.57 14.00 -14.15
N ASN F 119 -9.80 14.83 -13.45
CA ASN F 119 -10.15 16.23 -13.26
C ASN F 119 -10.54 16.85 -14.60
N PRO F 120 -11.76 17.39 -14.67
CA PRO F 120 -12.34 18.00 -15.88
C PRO F 120 -11.65 19.30 -16.24
N SER F 121 -11.17 20.01 -15.22
CA SER F 121 -10.51 21.28 -15.40
C SER F 121 -8.99 21.10 -15.37
N THR F 122 -8.34 21.28 -16.51
CA THR F 122 -6.88 21.33 -16.50
C THR F 122 -6.45 22.71 -16.98
N ASP F 123 -6.04 23.55 -16.04
CA ASP F 123 -5.54 24.88 -16.39
C ASP F 123 -4.06 24.81 -16.74
N SER F 124 -3.36 23.92 -16.03
CA SER F 124 -1.92 23.79 -16.17
C SER F 124 -1.55 23.22 -17.54
N LEU F 125 -2.39 22.32 -18.07
CA LEU F 125 -2.22 21.90 -19.47
C LEU F 125 -3.06 22.74 -20.45
N GLN F 126 -2.37 23.23 -21.48
CA GLN F 126 -2.98 23.83 -22.67
C GLN F 126 -3.39 22.80 -23.73
N SER F 127 -2.62 21.71 -23.84
CA SER F 127 -2.57 20.90 -25.06
C SER F 127 -3.95 20.53 -25.58
N LYS F 128 -4.12 20.57 -26.90
CA LYS F 128 -5.45 20.38 -27.46
C LYS F 128 -6.05 19.10 -26.96
N HIS F 129 -5.23 18.08 -26.94
CA HIS F 129 -5.73 16.75 -26.77
C HIS F 129 -6.25 16.54 -25.34
N PHE F 130 -7.22 15.66 -25.19
CA PHE F 130 -7.72 15.39 -23.85
C PHE F 130 -8.67 16.51 -23.43
N LYS F 131 -8.86 17.48 -24.33
CA LYS F 131 -9.79 18.56 -24.08
C LYS F 131 -11.07 17.94 -23.55
N THR F 132 -11.72 17.13 -24.38
CA THR F 132 -12.88 16.37 -23.91
C THR F 132 -12.48 15.37 -22.83
N CYS F 133 -13.36 15.18 -21.85
CA CYS F 133 -13.12 14.22 -20.78
C CYS F 133 -12.98 12.83 -21.37
N GLN F 134 -13.61 12.63 -22.53
CA GLN F 134 -13.42 11.41 -23.29
C GLN F 134 -11.93 11.09 -23.47
N ASP F 135 -11.19 11.92 -24.20
CA ASP F 135 -9.76 11.63 -24.48
C ASP F 135 -8.95 11.26 -23.22
N LYS F 136 -9.06 12.11 -22.21
CA LYS F 136 -8.39 11.89 -20.94
C LYS F 136 -8.70 10.49 -20.46
N LEU F 137 -10.00 10.16 -20.44
CA LEU F 137 -10.46 8.83 -20.01
C LEU F 137 -9.96 7.69 -20.89
N LYS F 138 -9.87 7.91 -22.21
CA LYS F 138 -9.33 6.94 -23.15
C LYS F 138 -7.96 6.53 -22.65
N LEU F 139 -7.09 7.53 -22.62
CA LEU F 139 -5.73 7.33 -22.12
C LEU F 139 -5.77 6.64 -20.78
N LEU F 140 -6.38 7.30 -19.82
CA LEU F 140 -6.47 6.83 -18.46
C LEU F 140 -6.87 5.37 -18.38
N LEU F 141 -7.81 4.96 -19.23
CA LEU F 141 -8.17 3.56 -19.36
C LEU F 141 -6.97 2.73 -19.85
N ASP F 142 -6.33 3.15 -20.94
CA ASP F 142 -5.14 2.42 -21.40
C ASP F 142 -4.18 2.24 -20.23
N PHE F 143 -3.69 3.35 -19.70
CA PHE F 143 -2.70 3.39 -18.64
C PHE F 143 -3.08 2.46 -17.50
N GLN F 144 -4.27 2.65 -16.95
CA GLN F 144 -4.69 1.83 -15.81
C GLN F 144 -4.74 0.38 -16.22
N TRP F 145 -5.11 0.16 -17.46
CA TRP F 145 -5.26 -1.17 -17.98
C TRP F 145 -3.90 -1.88 -17.99
N LYS F 146 -2.90 -1.28 -18.61
CA LYS F 146 -1.54 -1.81 -18.56
C LYS F 146 -1.14 -2.06 -17.11
N PHE F 147 -1.13 -0.97 -16.36
CA PHE F 147 -0.68 -0.95 -14.98
C PHE F 147 -1.27 -2.14 -14.23
N ASN F 148 -2.54 -2.45 -14.48
CA ASN F 148 -3.16 -3.58 -13.80
C ASN F 148 -2.91 -4.97 -14.43
N THR F 149 -2.85 -5.06 -15.75
CA THR F 149 -2.59 -6.34 -16.41
C THR F 149 -1.14 -6.63 -16.87
N ASN F 150 -0.27 -5.62 -16.88
CA ASN F 150 1.04 -5.69 -17.53
C ASN F 150 1.08 -6.40 -18.90
N VAL F 151 0.42 -5.78 -19.91
CA VAL F 151 0.31 -6.34 -21.27
C VAL F 151 0.94 -5.46 -22.34
N SER F 152 1.47 -6.11 -23.37
CA SER F 152 2.05 -5.42 -24.52
C SER F 152 1.02 -4.53 -25.19
N PHE F 153 1.47 -3.43 -25.77
CA PHE F 153 0.56 -2.54 -26.48
C PHE F 153 -0.10 -3.26 -27.65
N GLU F 154 0.73 -3.84 -28.51
CA GLU F 154 0.23 -4.56 -29.68
C GLU F 154 -0.89 -5.53 -29.24
N ASP F 155 -0.58 -6.33 -28.22
CA ASP F 155 -1.57 -7.25 -27.67
C ASP F 155 -2.80 -6.51 -27.18
N ARG F 156 -2.59 -5.34 -26.58
CA ARG F 156 -3.70 -4.49 -26.14
C ARG F 156 -4.64 -4.19 -27.30
N THR F 157 -4.09 -4.00 -28.49
CA THR F 157 -4.89 -3.71 -29.67
C THR F 157 -5.49 -4.97 -30.30
N THR F 158 -4.96 -6.14 -29.94
CA THR F 158 -5.50 -7.41 -30.46
C THR F 158 -6.85 -7.81 -29.85
N VAL F 159 -7.08 -7.42 -28.60
CA VAL F 159 -8.28 -7.88 -27.88
C VAL F 159 -9.62 -7.25 -28.31
N SER F 160 -10.52 -8.12 -28.75
CA SER F 160 -11.85 -7.73 -29.18
C SER F 160 -12.79 -7.92 -27.99
N LEU F 161 -13.50 -6.86 -27.58
CA LEU F 161 -14.24 -6.91 -26.32
C LEU F 161 -15.34 -7.98 -26.24
N LYS F 162 -15.80 -8.45 -27.40
CA LYS F 162 -16.71 -9.61 -27.42
C LYS F 162 -15.96 -10.84 -26.91
N ASP F 163 -14.64 -10.83 -27.07
CA ASP F 163 -13.79 -11.86 -26.50
C ASP F 163 -13.91 -11.84 -24.98
N LEU F 164 -14.24 -10.67 -24.44
CA LEU F 164 -14.31 -10.48 -22.99
C LEU F 164 -15.44 -11.27 -22.33
N GLN F 165 -15.14 -11.79 -21.15
CA GLN F 165 -16.08 -12.65 -20.46
C GLN F 165 -16.26 -12.15 -19.05
N CYS F 166 -17.47 -11.71 -18.75
CA CYS F 166 -17.79 -11.22 -17.42
C CYS F 166 -17.81 -12.38 -16.43
N ILE F 167 -17.09 -12.22 -15.33
CA ILE F 167 -17.16 -13.19 -14.26
C ILE F 167 -17.97 -12.62 -13.10
N LEU F 168 -19.17 -13.17 -12.92
CA LEU F 168 -19.96 -12.93 -11.72
C LEU F 168 -20.17 -14.27 -11.05
N ASP F 169 -19.48 -14.44 -9.93
CA ASP F 169 -19.64 -15.59 -9.08
C ASP F 169 -19.92 -15.05 -7.72
N ASP F 170 -21.16 -15.22 -7.27
CA ASP F 170 -21.55 -14.72 -5.97
C ASP F 170 -21.53 -15.82 -4.90
N GLU F 171 -21.32 -17.06 -5.31
CA GLU F 171 -21.10 -18.17 -4.37
C GLU F 171 -19.73 -18.02 -3.70
N ASN F 172 -18.74 -17.60 -4.48
CA ASN F 172 -17.45 -17.25 -3.92
C ASN F 172 -17.23 -15.74 -3.75
N GLY F 173 -18.20 -14.93 -4.17
CA GLY F 173 -18.10 -13.49 -4.02
C GLY F 173 -17.00 -12.93 -4.91
N LYS F 174 -17.14 -13.14 -6.22
CA LYS F 174 -16.16 -12.66 -7.17
C LYS F 174 -16.82 -11.95 -8.34
N CYS F 175 -16.17 -10.89 -8.82
CA CYS F 175 -16.58 -10.25 -10.08
C CYS F 175 -15.42 -9.58 -10.79
N GLY F 176 -15.45 -9.65 -12.12
CA GLY F 176 -14.41 -9.06 -12.93
C GLY F 176 -14.65 -9.21 -14.43
N LEU F 177 -13.63 -8.84 -15.20
CA LEU F 177 -13.68 -8.95 -16.66
C LEU F 177 -12.49 -9.77 -17.10
N ALA F 178 -12.76 -10.93 -17.70
CA ALA F 178 -11.71 -11.91 -17.98
C ALA F 178 -11.44 -12.05 -19.48
N HIS F 179 -10.20 -12.45 -19.81
CA HIS F 179 -9.82 -12.80 -21.17
C HIS F 179 -9.01 -14.08 -21.13
N SER F 180 -9.53 -15.14 -21.76
CA SER F 180 -8.80 -16.40 -21.87
C SER F 180 -8.03 -16.52 -23.19
N SER F 181 -8.23 -15.54 -24.07
CA SER F 181 -7.61 -15.55 -25.40
C SER F 181 -6.17 -15.05 -25.36
N LYS F 182 -5.64 -14.71 -26.54
CA LYS F 182 -4.20 -14.56 -26.74
C LYS F 182 -3.51 -13.79 -25.60
N PRO F 183 -3.89 -12.52 -25.37
CA PRO F 183 -3.44 -12.00 -24.09
C PRO F 183 -4.27 -12.59 -22.96
N ASN F 184 -3.62 -13.00 -21.87
CA ASN F 184 -4.31 -13.70 -20.81
C ASN F 184 -4.35 -12.84 -19.57
N PHE F 185 -5.54 -12.38 -19.22
CA PHE F 185 -5.69 -11.46 -18.09
C PHE F 185 -7.10 -11.42 -17.44
N VAL F 186 -7.12 -10.91 -16.21
CA VAL F 186 -8.36 -10.73 -15.46
C VAL F 186 -8.35 -9.35 -14.77
N LEU F 187 -9.41 -8.56 -14.93
CA LEU F 187 -9.50 -7.27 -14.24
C LEU F 187 -10.64 -7.24 -13.19
N VAL F 188 -10.44 -6.43 -12.15
CA VAL F 188 -11.32 -6.45 -10.97
C VAL F 188 -11.60 -5.02 -10.56
N PRO F 189 -12.82 -4.74 -10.09
CA PRO F 189 -13.16 -3.41 -9.59
C PRO F 189 -12.40 -3.12 -8.32
N ASN F 190 -11.92 -1.90 -8.17
CA ASN F 190 -11.45 -1.48 -6.88
C ASN F 190 -12.46 -0.51 -6.32
N PHE F 191 -13.23 -0.97 -5.34
CA PHE F 191 -14.33 -0.17 -4.78
C PHE F 191 -13.80 0.70 -3.67
N GLN F 192 -12.56 0.41 -3.26
CA GLN F 192 -11.93 1.22 -2.24
C GLN F 192 -11.45 2.52 -2.88
N SER F 193 -11.06 2.43 -4.14
CA SER F 193 -10.43 3.55 -4.83
C SER F 193 -10.91 3.62 -6.28
N PRO F 194 -12.15 4.08 -6.47
CA PRO F 194 -12.80 4.05 -7.79
C PRO F 194 -11.98 4.75 -8.88
N PHE F 195 -11.32 5.85 -8.53
CA PHE F 195 -10.61 6.66 -9.49
C PHE F 195 -9.47 5.84 -10.03
N THR F 196 -8.89 5.06 -9.12
CA THR F 196 -7.77 4.20 -9.47
C THR F 196 -8.24 2.84 -9.97
N CYS F 197 -9.56 2.69 -10.10
CA CYS F 197 -10.11 1.47 -10.72
C CYS F 197 -10.31 1.65 -12.22
N PRO F 198 -9.72 0.75 -13.02
CA PRO F 198 -9.75 0.74 -14.48
C PRO F 198 -11.13 0.35 -15.01
N ILE F 199 -11.89 -0.38 -14.21
CA ILE F 199 -13.24 -0.77 -14.61
C ILE F 199 -14.19 0.40 -14.48
N PHE F 200 -14.00 1.20 -13.43
CA PHE F 200 -14.80 2.40 -13.22
C PHE F 200 -14.59 3.36 -14.40
N THR F 201 -13.32 3.53 -14.75
CA THR F 201 -12.89 4.36 -15.87
C THR F 201 -13.42 3.86 -17.20
N MET F 202 -13.47 2.55 -17.35
CA MET F 202 -14.09 1.97 -18.55
C MET F 202 -15.62 2.16 -18.57
N ALA F 203 -16.23 2.19 -17.39
CA ALA F 203 -17.67 2.39 -17.29
C ALA F 203 -18.01 3.80 -17.73
N VAL F 204 -17.43 4.77 -17.04
CA VAL F 204 -17.68 6.16 -17.39
C VAL F 204 -17.35 6.34 -18.85
N TYR F 205 -16.14 5.90 -19.21
CA TYR F 205 -15.67 6.03 -20.58
C TYR F 205 -16.76 5.55 -21.53
N TYR F 206 -17.14 4.29 -21.41
CA TYR F 206 -18.14 3.70 -22.28
C TYR F 206 -19.42 4.48 -22.38
N TYR F 207 -20.00 4.85 -21.24
CA TYR F 207 -21.19 5.66 -21.31
C TYR F 207 -20.91 6.82 -22.26
N LEU F 208 -19.77 7.46 -22.09
CA LEU F 208 -19.40 8.62 -22.92
C LEU F 208 -19.02 8.26 -24.35
N ARG F 209 -18.91 6.97 -24.60
CA ARG F 209 -18.59 6.47 -25.93
C ARG F 209 -19.89 6.15 -26.65
N PHE F 210 -20.64 5.20 -26.10
CA PHE F 210 -21.88 4.68 -26.67
C PHE F 210 -23.08 5.58 -26.50
N HIS F 211 -23.55 5.79 -25.27
CA HIS F 211 -24.69 6.68 -25.08
C HIS F 211 -24.38 8.10 -25.55
N GLY F 212 -23.11 8.50 -25.46
CA GLY F 212 -22.71 9.84 -25.84
C GLY F 212 -23.23 10.87 -24.87
N VAL F 213 -23.14 12.14 -25.26
CA VAL F 213 -23.72 13.21 -24.45
C VAL F 213 -24.65 14.10 -25.30
N LYS F 214 -25.90 14.23 -24.86
CA LYS F 214 -26.92 14.98 -25.60
C LYS F 214 -26.56 16.46 -25.74
N LYS F 215 -26.63 16.99 -26.96
CA LYS F 215 -26.43 18.42 -27.24
C LYS F 215 -24.96 18.84 -27.43
N TYR F 216 -24.05 17.91 -27.18
CA TYR F 216 -22.62 18.17 -27.31
C TYR F 216 -22.08 17.37 -28.47
N TYR F 217 -22.18 16.05 -28.36
CA TYR F 217 -21.66 15.19 -29.40
C TYR F 217 -22.31 13.79 -29.54
N LYS F 218 -22.22 13.27 -30.76
CA LYS F 218 -22.96 12.09 -31.16
C LYS F 218 -22.77 10.86 -30.28
N GLY F 219 -23.86 10.13 -30.06
CA GLY F 219 -23.75 8.81 -29.46
C GLY F 219 -23.24 7.94 -30.58
N ASP F 220 -22.36 6.99 -30.25
CA ASP F 220 -21.88 6.04 -31.25
C ASP F 220 -22.99 5.05 -31.49
N GLY F 221 -23.80 4.85 -30.46
CA GLY F 221 -24.96 3.97 -30.51
C GLY F 221 -24.61 2.58 -30.03
N TYR F 222 -25.56 1.90 -29.39
CA TYR F 222 -25.34 0.55 -28.87
C TYR F 222 -25.69 -0.49 -29.90
N GLN F 223 -26.06 -0.04 -31.09
CA GLN F 223 -26.41 -0.96 -32.16
C GLN F 223 -25.15 -1.63 -32.73
N ILE F 224 -24.10 -0.84 -32.95
CA ILE F 224 -22.91 -1.32 -33.66
C ILE F 224 -22.24 -2.52 -33.00
N LEU F 225 -22.65 -2.83 -31.77
CA LEU F 225 -22.15 -4.03 -31.09
C LEU F 225 -22.56 -5.33 -31.76
N SER F 226 -23.42 -5.24 -32.78
CA SER F 226 -23.78 -6.42 -33.57
C SER F 226 -23.08 -6.37 -34.92
N GLN F 227 -23.39 -5.32 -35.69
CA GLN F 227 -22.83 -5.12 -37.02
C GLN F 227 -21.30 -5.34 -37.11
N LEU F 228 -20.54 -4.82 -36.15
CA LEU F 228 -19.08 -4.92 -36.20
C LEU F 228 -18.49 -6.25 -35.71
N GLU F 229 -17.45 -6.70 -36.41
CA GLU F 229 -16.78 -7.94 -36.07
C GLU F 229 -15.77 -7.78 -34.92
N HIS F 230 -15.11 -6.62 -34.86
CA HIS F 230 -14.11 -6.37 -33.81
C HIS F 230 -14.35 -5.04 -33.08
N ILE F 231 -14.65 -5.12 -31.79
CA ILE F 231 -14.90 -3.92 -31.02
C ILE F 231 -13.71 -3.62 -30.08
N PRO F 232 -12.86 -2.66 -30.48
CA PRO F 232 -11.62 -2.31 -29.80
C PRO F 232 -11.94 -1.71 -28.43
N ILE F 233 -11.21 -2.14 -27.41
CA ILE F 233 -11.52 -1.75 -26.04
C ILE F 233 -11.63 -0.24 -25.89
N ILE F 234 -10.90 0.48 -26.73
CA ILE F 234 -11.06 1.91 -26.91
C ILE F 234 -10.93 2.19 -28.40
N ARG F 235 -11.50 3.28 -28.90
CA ARG F 235 -11.49 3.53 -30.34
C ARG F 235 -10.67 4.75 -30.76
N GLY F 236 -10.00 4.62 -31.91
CA GLY F 236 -9.30 5.73 -32.52
C GLY F 236 -10.24 6.50 -33.42
N LYS F 237 -9.71 7.08 -34.49
CA LYS F 237 -10.56 7.72 -35.48
C LYS F 237 -11.65 6.76 -35.93
N SER F 238 -11.26 5.58 -36.40
CA SER F 238 -12.23 4.62 -36.91
C SER F 238 -12.88 3.79 -35.81
N LEU F 239 -14.16 3.50 -36.00
CA LEU F 239 -14.94 2.78 -35.00
C LEU F 239 -14.36 1.42 -34.63
N ASP F 240 -13.82 0.70 -35.61
CA ASP F 240 -13.49 -0.71 -35.42
C ASP F 240 -12.04 -0.96 -35.01
N GLN F 241 -11.24 0.09 -34.90
CA GLN F 241 -9.81 -0.07 -34.66
C GLN F 241 -9.33 0.64 -33.37
N TYR F 242 -8.28 0.07 -32.78
CA TYR F 242 -7.61 0.68 -31.65
C TYR F 242 -6.85 1.85 -32.24
N PRO F 243 -6.56 2.89 -31.43
CA PRO F 243 -5.76 4.02 -31.92
C PRO F 243 -4.33 3.57 -32.21
N ARG F 244 -3.70 4.22 -33.18
CA ARG F 244 -2.36 3.81 -33.57
C ARG F 244 -1.32 4.08 -32.46
N GLU F 245 -0.24 3.31 -32.51
CA GLU F 245 0.82 3.36 -31.50
C GLU F 245 1.43 4.74 -31.31
N LEU F 246 1.84 5.38 -32.41
CA LEU F 246 2.50 6.68 -32.30
C LEU F 246 1.64 7.69 -31.55
N THR F 247 0.34 7.73 -31.86
CA THR F 247 -0.60 8.63 -31.20
C THR F 247 -0.48 8.53 -29.67
N LEU F 248 -0.84 7.37 -29.15
CA LEU F 248 -0.78 7.12 -27.72
C LEU F 248 0.59 7.53 -27.21
N GLY F 249 1.61 7.08 -27.92
CA GLY F 249 2.98 7.49 -27.62
C GLY F 249 3.18 9.01 -27.57
N ASN F 250 2.27 9.75 -28.19
CA ASN F 250 2.27 11.21 -28.08
C ASN F 250 1.53 11.60 -26.78
N TRP F 251 0.42 10.94 -26.53
CA TRP F 251 -0.42 11.33 -25.42
C TRP F 251 0.41 11.28 -24.17
N TYR F 252 0.93 10.09 -23.95
CA TYR F 252 1.54 9.72 -22.73
C TYR F 252 2.49 10.78 -22.21
N PRO F 253 3.56 11.12 -22.98
CA PRO F 253 4.52 12.04 -22.39
C PRO F 253 3.85 13.35 -21.99
N THR F 254 2.88 13.79 -22.81
CA THR F 254 2.08 14.99 -22.53
C THR F 254 1.44 14.98 -21.16
N ILE F 255 0.87 13.85 -20.77
CA ILE F 255 0.27 13.76 -19.45
C ILE F 255 1.31 13.73 -18.33
N PHE F 256 2.45 13.08 -18.55
CA PHE F 256 3.46 12.93 -17.51
C PHE F 256 4.18 14.25 -17.19
N LYS F 257 4.59 14.97 -18.23
CA LYS F 257 5.10 16.31 -18.04
C LYS F 257 4.11 17.06 -17.13
N TYR F 258 2.87 17.21 -17.60
CA TYR F 258 1.84 17.85 -16.81
C TYR F 258 1.87 17.37 -15.38
N CYS F 259 2.00 16.07 -15.21
CA CYS F 259 2.02 15.47 -13.87
C CYS F 259 3.44 15.50 -13.28
N GLN F 260 4.41 15.88 -14.10
CA GLN F 260 5.80 15.97 -13.68
C GLN F 260 6.34 14.67 -13.12
N LEU F 261 6.07 13.59 -13.84
CA LEU F 261 6.64 12.30 -13.53
C LEU F 261 7.48 11.94 -14.74
N PRO F 262 8.56 11.17 -14.53
CA PRO F 262 9.40 10.89 -15.68
C PRO F 262 8.60 10.04 -16.64
N TYR F 263 9.15 9.77 -17.81
CA TYR F 263 8.44 8.93 -18.77
C TYR F 263 9.38 8.02 -19.56
N THR F 264 9.07 6.73 -19.54
CA THR F 264 9.78 5.76 -20.35
C THR F 264 8.76 4.96 -21.15
N LYS F 265 8.82 5.11 -22.46
CA LYS F 265 7.86 4.53 -23.38
C LYS F 265 7.83 3.01 -23.28
N LYS F 266 9.02 2.43 -23.15
CA LYS F 266 9.17 0.99 -23.04
C LYS F 266 8.28 0.44 -21.93
N HIS F 267 8.11 1.21 -20.86
CA HIS F 267 7.35 0.74 -19.72
C HIS F 267 5.91 0.41 -20.10
N TRP F 268 5.25 1.35 -20.81
CA TRP F 268 3.84 1.21 -21.15
C TRP F 268 3.52 0.58 -22.52
N PHE F 269 4.47 0.56 -23.44
CA PHE F 269 4.21 -0.04 -24.77
C PHE F 269 4.78 -1.45 -24.96
N GLN F 270 5.51 -1.94 -23.96
CA GLN F 270 6.09 -3.27 -23.99
C GLN F 270 6.02 -3.89 -22.60
N VAL F 271 6.11 -5.21 -22.53
CA VAL F 271 6.06 -5.87 -21.23
C VAL F 271 7.14 -5.26 -20.35
N ASN F 272 6.84 -5.11 -19.07
CA ASN F 272 7.81 -4.61 -18.12
C ASN F 272 8.13 -5.72 -17.15
N GLN F 273 9.37 -6.18 -17.19
CA GLN F 273 9.77 -7.44 -16.61
C GLN F 273 10.02 -7.35 -15.16
N GLU F 274 10.62 -6.23 -14.78
CA GLU F 274 10.80 -5.86 -13.39
C GLU F 274 9.46 -6.09 -12.71
N TRP F 275 8.41 -5.89 -13.49
CA TRP F 275 7.05 -6.09 -13.01
C TRP F 275 6.59 -7.52 -13.14
N PRO F 276 5.51 -7.85 -12.42
CA PRO F 276 4.90 -9.17 -12.50
C PRO F 276 4.16 -9.40 -13.83
N GLN F 277 3.67 -10.63 -14.02
CA GLN F 277 2.99 -11.05 -15.23
C GLN F 277 2.01 -12.22 -14.99
N PHE F 278 0.93 -12.27 -15.78
CA PHE F 278 -0.01 -13.37 -15.71
C PHE F 278 0.53 -14.53 -16.55
N PRO F 279 0.25 -15.76 -16.12
CA PRO F 279 0.62 -17.04 -16.77
C PRO F 279 0.02 -17.16 -18.16
N ASP F 280 0.62 -17.95 -19.03
CA ASP F 280 -0.03 -18.24 -20.31
C ASP F 280 -0.62 -19.63 -20.30
N PHE F 281 -1.84 -19.75 -20.81
CA PHE F 281 -2.57 -21.00 -20.79
C PHE F 281 -3.11 -21.37 -22.16
N SER F 282 -2.70 -22.53 -22.65
CA SER F 282 -3.16 -23.07 -23.91
C SER F 282 -3.86 -24.40 -23.70
N GLU F 293 -16.10 -18.49 -15.83
CA GLU F 293 -15.98 -19.93 -15.69
C GLU F 293 -14.85 -20.29 -14.73
N SER F 294 -15.04 -19.79 -13.51
CA SER F 294 -14.12 -19.88 -12.38
C SER F 294 -14.39 -21.05 -11.43
N ASP F 295 -13.73 -21.04 -10.28
CA ASP F 295 -14.08 -21.85 -9.10
C ASP F 295 -13.61 -21.12 -7.85
N SER F 296 -13.64 -21.82 -6.71
CA SER F 296 -13.27 -21.20 -5.44
C SER F 296 -11.91 -20.50 -5.48
N GLU F 297 -10.87 -21.23 -5.87
CA GLU F 297 -9.52 -20.68 -5.81
C GLU F 297 -8.92 -20.11 -7.10
N ASN F 298 -9.60 -20.25 -8.23
CA ASN F 298 -9.06 -19.73 -9.49
C ASN F 298 -10.17 -19.17 -10.36
N THR F 299 -9.83 -18.29 -11.30
CA THR F 299 -10.88 -17.62 -12.05
C THR F 299 -11.02 -18.07 -13.51
N ILE F 300 -10.11 -17.67 -14.40
CA ILE F 300 -10.23 -18.14 -15.78
C ILE F 300 -9.38 -19.39 -15.96
N GLY F 301 -8.07 -19.22 -16.00
CA GLY F 301 -7.16 -20.32 -15.73
C GLY F 301 -6.40 -20.12 -14.42
N ILE F 302 -6.63 -18.97 -13.79
CA ILE F 302 -5.67 -18.33 -12.89
C ILE F 302 -5.98 -18.36 -11.39
N PRO F 303 -5.00 -18.79 -10.57
CA PRO F 303 -5.11 -18.70 -9.11
C PRO F 303 -5.46 -17.27 -8.69
N ASP F 304 -6.33 -17.13 -7.69
CA ASP F 304 -6.90 -15.84 -7.35
C ASP F 304 -5.86 -14.85 -6.79
N PHE F 305 -4.86 -15.35 -6.08
CA PHE F 305 -3.86 -14.47 -5.50
C PHE F 305 -3.13 -13.68 -6.59
N TYR F 306 -2.97 -14.31 -7.75
CA TYR F 306 -2.46 -13.61 -8.91
C TYR F 306 -3.25 -12.34 -9.15
N ILE F 307 -4.56 -12.50 -9.14
CA ILE F 307 -5.48 -11.45 -9.56
C ILE F 307 -5.60 -10.38 -8.49
N GLU F 308 -5.69 -10.81 -7.24
CA GLU F 308 -5.79 -9.89 -6.10
C GLU F 308 -4.52 -9.06 -5.99
N LYS F 309 -3.39 -9.68 -6.30
CA LYS F 309 -2.12 -9.00 -6.13
C LYS F 309 -1.87 -8.04 -7.26
N MET F 310 -2.15 -8.48 -8.49
CA MET F 310 -1.89 -7.63 -9.65
C MET F 310 -2.95 -6.54 -9.83
N ASN F 311 -4.17 -6.78 -9.35
CA ASN F 311 -5.21 -5.76 -9.33
C ASN F 311 -5.21 -5.00 -8.02
N ARG F 312 -4.36 -5.45 -7.10
CA ARG F 312 -4.16 -4.83 -5.78
C ARG F 312 -5.47 -4.42 -5.12
N THR F 313 -6.43 -5.34 -5.10
CA THR F 313 -7.64 -5.17 -4.33
C THR F 313 -8.17 -6.55 -3.96
N LYS F 314 -8.76 -6.67 -2.79
CA LYS F 314 -9.35 -7.93 -2.38
C LYS F 314 -10.44 -8.26 -3.39
N LEU F 315 -10.76 -9.55 -3.53
CA LEU F 315 -11.89 -9.97 -4.38
C LEU F 315 -13.25 -9.90 -3.64
N GLN F 316 -14.28 -9.42 -4.35
CA GLN F 316 -15.62 -9.17 -3.80
C GLN F 316 -16.75 -9.57 -4.75
N PRO F 317 -17.97 -9.74 -4.22
CA PRO F 317 -19.19 -9.94 -5.02
C PRO F 317 -19.65 -8.65 -5.71
N CYS F 318 -20.33 -8.76 -6.86
CA CYS F 318 -20.81 -7.56 -7.55
C CYS F 318 -21.98 -6.99 -6.75
N PRO F 319 -21.88 -5.71 -6.39
CA PRO F 319 -22.96 -5.00 -5.68
C PRO F 319 -24.15 -4.78 -6.61
N GLN F 320 -25.34 -5.07 -6.11
CA GLN F 320 -26.54 -5.00 -6.92
C GLN F 320 -27.10 -3.59 -6.86
N VAL F 321 -27.26 -2.99 -8.03
CA VAL F 321 -27.79 -1.64 -8.13
C VAL F 321 -29.17 -1.64 -8.76
N HIS F 322 -29.99 -0.69 -8.33
CA HIS F 322 -31.35 -0.59 -8.83
C HIS F 322 -31.48 0.45 -9.92
N VAL F 323 -30.35 1.02 -10.30
CA VAL F 323 -30.33 2.04 -11.33
C VAL F 323 -29.59 1.57 -12.58
N HIS F 324 -30.19 1.74 -13.75
CA HIS F 324 -29.51 1.36 -14.98
C HIS F 324 -29.24 2.52 -15.94
N LEU F 325 -27.97 2.91 -16.02
CA LEU F 325 -27.48 3.87 -17.00
C LEU F 325 -27.15 3.20 -18.34
N PHE F 326 -26.76 1.94 -18.28
CA PHE F 326 -26.56 1.12 -19.47
C PHE F 326 -27.81 0.32 -19.83
N PRO F 327 -27.97 -0.01 -21.13
CA PRO F 327 -29.14 -0.73 -21.67
C PRO F 327 -29.35 -2.09 -21.02
N THR F 328 -30.60 -2.44 -20.75
CA THR F 328 -30.94 -3.76 -20.24
C THR F 328 -31.37 -4.69 -21.37
N ASP F 329 -31.38 -4.15 -22.59
CA ASP F 329 -31.71 -4.93 -23.78
C ASP F 329 -30.50 -5.06 -24.69
N LEU F 330 -29.93 -6.26 -24.79
CA LEU F 330 -28.76 -6.47 -25.63
C LEU F 330 -28.61 -7.94 -25.99
N PRO F 331 -27.59 -8.26 -26.82
CA PRO F 331 -27.23 -9.66 -27.02
C PRO F 331 -26.72 -10.24 -25.72
N PRO F 332 -27.10 -11.47 -25.41
CA PRO F 332 -26.73 -12.10 -24.14
C PRO F 332 -25.21 -12.05 -23.92
N ASP F 333 -24.42 -12.10 -24.99
CA ASP F 333 -22.98 -12.12 -24.90
C ASP F 333 -22.45 -10.93 -24.09
N ILE F 334 -22.77 -9.72 -24.53
CA ILE F 334 -22.22 -8.48 -23.99
C ILE F 334 -22.94 -7.97 -22.73
N GLN F 335 -24.15 -8.46 -22.54
CA GLN F 335 -25.02 -7.97 -21.48
C GLN F 335 -24.34 -8.08 -20.12
N ALA F 336 -23.96 -9.30 -19.74
CA ALA F 336 -23.34 -9.53 -18.45
C ALA F 336 -22.23 -8.50 -18.20
N VAL F 337 -21.37 -8.33 -19.20
CA VAL F 337 -20.33 -7.30 -19.18
C VAL F 337 -20.86 -5.95 -18.74
N PHE F 338 -21.79 -5.42 -19.53
CA PHE F 338 -22.31 -4.12 -19.16
C PHE F 338 -22.86 -4.15 -17.73
N ASP F 339 -23.82 -5.01 -17.42
CA ASP F 339 -24.42 -5.03 -16.07
C ASP F 339 -23.35 -4.89 -15.00
N LEU F 340 -22.19 -5.51 -15.23
CA LEU F 340 -21.02 -5.25 -14.38
C LEU F 340 -20.62 -3.76 -14.44
N LEU F 341 -20.36 -3.26 -15.66
CA LEU F 341 -20.03 -1.85 -15.85
C LEU F 341 -21.02 -0.91 -15.14
N ASN F 342 -22.29 -1.16 -15.37
CA ASN F 342 -23.38 -0.47 -14.71
C ASN F 342 -23.20 -0.53 -13.21
N SER F 343 -22.93 -1.72 -12.67
CA SER F 343 -22.79 -1.84 -11.22
C SER F 343 -21.69 -0.95 -10.69
N VAL F 344 -20.52 -1.02 -11.32
CA VAL F 344 -19.40 -0.22 -10.85
C VAL F 344 -19.75 1.26 -10.97
N LEU F 345 -20.15 1.65 -12.18
CA LEU F 345 -20.51 3.04 -12.49
C LEU F 345 -21.50 3.62 -11.49
N VAL F 346 -22.59 2.88 -11.26
CA VAL F 346 -23.67 3.36 -10.42
C VAL F 346 -23.20 3.36 -8.95
N THR F 347 -22.32 2.44 -8.62
CA THR F 347 -21.83 2.39 -7.25
C THR F 347 -20.95 3.58 -6.91
N SER F 348 -20.04 3.94 -7.81
CA SER F 348 -19.06 4.99 -7.54
C SER F 348 -19.41 6.38 -8.08
N LEU F 349 -20.51 6.48 -8.80
CA LEU F 349 -20.86 7.74 -9.47
C LEU F 349 -21.12 8.90 -8.50
N PRO F 350 -21.79 8.61 -7.38
CA PRO F 350 -22.02 9.69 -6.41
C PRO F 350 -20.73 10.39 -6.01
N LEU F 351 -19.69 9.60 -5.75
CA LEU F 351 -18.40 10.13 -5.36
C LEU F 351 -17.79 11.07 -6.39
N LEU F 352 -17.78 10.62 -7.64
CA LEU F 352 -17.30 11.42 -8.74
C LEU F 352 -18.05 12.75 -8.81
N TYR F 353 -19.35 12.70 -8.49
CA TYR F 353 -20.19 13.89 -8.52
C TYR F 353 -19.82 14.88 -7.41
N ARG F 354 -19.43 14.35 -6.27
CA ARG F 354 -19.12 15.16 -5.11
C ARG F 354 -17.75 15.81 -5.28
N VAL F 355 -16.92 15.18 -6.11
CA VAL F 355 -15.57 15.66 -6.37
C VAL F 355 -15.50 16.52 -7.61
N PHE F 356 -15.82 15.92 -8.75
CA PHE F 356 -15.83 16.64 -10.02
C PHE F 356 -17.25 16.70 -10.55
N PRO F 357 -18.03 17.67 -10.07
CA PRO F 357 -19.36 17.83 -10.65
C PRO F 357 -19.26 18.17 -12.12
N THR F 358 -18.27 18.99 -12.40
CA THR F 358 -18.10 19.65 -13.70
C THR F 358 -17.88 18.65 -14.82
N HIS F 359 -17.64 17.40 -14.45
CA HIS F 359 -17.34 16.34 -15.42
C HIS F 359 -18.40 16.26 -16.50
N ASP F 360 -17.97 15.98 -17.72
CA ASP F 360 -18.84 15.86 -18.88
C ASP F 360 -20.06 14.96 -18.66
N ILE F 361 -19.88 13.85 -17.96
CA ILE F 361 -20.95 12.87 -17.78
C ILE F 361 -22.20 13.46 -17.15
N PHE F 362 -22.03 14.47 -16.31
CA PHE F 362 -23.15 15.02 -15.57
C PHE F 362 -23.96 15.99 -16.43
N LEU F 363 -23.46 16.26 -17.64
CA LEU F 363 -24.11 17.20 -18.55
C LEU F 363 -25.19 16.56 -19.39
N ASP F 364 -25.28 15.24 -19.35
CA ASP F 364 -26.33 14.56 -20.06
C ASP F 364 -27.65 14.82 -19.35
N PRO F 365 -28.74 15.04 -20.10
CA PRO F 365 -29.99 15.23 -19.34
C PRO F 365 -30.31 14.05 -18.46
N SER F 366 -30.10 12.87 -19.01
CA SER F 366 -30.52 11.63 -18.36
C SER F 366 -30.11 11.68 -16.89
N LEU F 367 -28.93 12.24 -16.65
CA LEU F 367 -28.45 12.46 -15.28
C LEU F 367 -29.12 13.64 -14.55
N LYS F 368 -29.87 14.44 -15.30
CA LYS F 368 -30.59 15.62 -14.77
C LYS F 368 -32.03 15.32 -14.36
N THR F 369 -32.41 14.05 -14.39
CA THR F 369 -33.72 13.58 -13.98
C THR F 369 -33.89 13.81 -12.49
N PRO F 370 -35.13 14.09 -12.04
CA PRO F 370 -35.35 14.32 -10.61
C PRO F 370 -34.70 13.24 -9.75
N GLN F 371 -34.77 11.98 -10.21
CA GLN F 371 -34.24 10.81 -9.49
C GLN F 371 -32.72 10.66 -9.54
N ASN F 372 -32.17 10.56 -10.74
CA ASN F 372 -30.74 10.46 -10.89
C ASN F 372 -30.00 11.51 -10.03
N ILE F 373 -30.48 12.76 -10.06
CA ILE F 373 -30.02 13.73 -9.08
C ILE F 373 -30.44 13.29 -7.67
N ALA F 374 -31.57 12.61 -7.55
CA ALA F 374 -32.05 12.21 -6.23
C ALA F 374 -30.97 11.45 -5.44
N PHE F 375 -30.43 10.38 -6.06
CA PHE F 375 -29.33 9.60 -5.45
C PHE F 375 -27.89 10.13 -5.62
N LEU F 376 -27.60 10.80 -6.74
CA LEU F 376 -26.26 11.38 -6.88
C LEU F 376 -25.94 12.23 -5.64
N THR F 377 -27.00 12.78 -5.05
CA THR F 377 -26.95 13.57 -3.82
C THR F 377 -27.30 12.76 -2.55
N GLY F 378 -27.55 11.47 -2.73
CA GLY F 378 -28.00 10.61 -1.65
C GLY F 378 -26.81 10.15 -0.81
N THR F 379 -26.85 8.91 -0.33
CA THR F 379 -25.75 8.39 0.50
C THR F 379 -24.47 8.50 -0.33
N LEU F 380 -23.33 8.51 0.34
CA LEU F 380 -22.07 8.53 -0.37
C LEU F 380 -21.48 7.15 -0.23
N PRO F 381 -20.74 6.70 -1.25
CA PRO F 381 -20.23 5.33 -1.25
C PRO F 381 -19.23 5.06 -0.13
N LEU F 382 -18.21 5.91 -0.03
CA LEU F 382 -17.30 5.91 1.12
C LEU F 382 -16.89 7.33 1.46
N ASP F 383 -16.86 7.62 2.75
CA ASP F 383 -16.78 8.98 3.24
C ASP F 383 -15.60 9.68 2.57
N ILE F 384 -15.80 10.95 2.17
CA ILE F 384 -14.78 11.71 1.46
C ILE F 384 -13.43 11.75 2.16
N GLU F 385 -13.43 11.86 3.49
CA GLU F 385 -12.19 12.04 4.23
C GLU F 385 -11.23 10.94 3.83
N SER F 386 -11.79 9.88 3.24
CA SER F 386 -11.02 8.81 2.60
C SER F 386 -10.18 9.28 1.41
N GLN F 387 -10.71 10.19 0.60
CA GLN F 387 -10.05 10.56 -0.65
C GLN F 387 -9.19 11.82 -0.61
N GLU F 388 -9.03 12.42 0.56
CA GLU F 388 -8.18 13.62 0.74
C GLU F 388 -6.82 13.52 0.05
N HIS F 389 -6.03 12.56 0.48
CA HIS F 389 -4.76 12.38 -0.18
C HIS F 389 -4.91 12.40 -1.69
N LEU F 390 -5.70 11.47 -2.23
CA LEU F 390 -5.72 11.23 -3.68
C LEU F 390 -5.78 12.55 -4.41
N LEU F 391 -6.70 13.40 -3.99
CA LEU F 391 -6.79 14.75 -4.51
C LEU F 391 -5.48 15.52 -4.33
N ALA F 392 -4.84 15.37 -3.18
CA ALA F 392 -3.74 16.28 -2.84
C ALA F 392 -2.63 16.33 -3.90
N GLN F 393 -2.63 15.33 -4.77
CA GLN F 393 -1.58 15.16 -5.78
C GLN F 393 -1.86 15.86 -7.12
N LEU F 394 -2.99 16.56 -7.29
CA LEU F 394 -3.20 17.17 -8.60
C LEU F 394 -2.50 18.51 -8.66
N ILE F 395 -2.36 19.04 -9.87
CA ILE F 395 -1.76 20.35 -10.11
C ILE F 395 -2.75 21.49 -10.38
N ASP F 396 -4.03 21.15 -10.52
CA ASP F 396 -5.10 22.14 -10.67
C ASP F 396 -6.22 21.88 -9.68
N LYS F 397 -6.34 22.81 -8.74
CA LYS F 397 -7.32 22.75 -7.67
C LYS F 397 -8.61 23.27 -8.28
N THR F 398 -9.69 22.51 -8.12
CA THR F 398 -10.95 22.89 -8.72
C THR F 398 -11.67 23.96 -7.90
N GLY F 399 -12.90 24.27 -8.27
CA GLY F 399 -13.72 25.22 -7.54
C GLY F 399 -14.09 24.66 -6.17
N THR F 400 -14.14 23.33 -6.04
CA THR F 400 -14.46 22.68 -4.75
C THR F 400 -13.15 22.18 -4.13
N VAL F 401 -12.96 22.54 -2.88
CA VAL F 401 -11.66 22.50 -2.24
C VAL F 401 -11.67 21.92 -0.83
N SER F 402 -10.96 20.80 -0.66
CA SER F 402 -10.99 20.08 0.60
C SER F 402 -9.82 19.12 0.66
#